data_1Y23
#
_entry.id   1Y23
#
_cell.length_a   86.444
_cell.length_b   86.444
_cell.length_c   180.046
_cell.angle_alpha   90.00
_cell.angle_beta   90.00
_cell.angle_gamma   120.00
#
_symmetry.space_group_name_H-M   'P 31 2 1'
#
loop_
_entity.id
_entity.type
_entity.pdbx_description
1 polymer 'Histidine triad protein'
2 non-polymer 'ZINC ION'
3 non-polymer 'MAGNESIUM ION'
4 water water
#
_entity_poly.entity_id   1
_entity_poly.type   'polypeptide(L)'
_entity_poly.pdbx_seq_one_letter_code
;MHCAENCIFCKIIAGDIPSAKVYEDEHVLAFLDISQVTKGHTLVIPKTHIENVYEFTDELAKQYFHAVPKIARAIRDEFE
PIGLNTLNNNGEKAGQSVFHYHMHIIPRYGKGDGFGAVWKTHADDYKPEDLQNISSSIAKRLASS
;
_entity_poly.pdbx_strand_id   A,B,C,D,E
#
loop_
_chem_comp.id
_chem_comp.type
_chem_comp.name
_chem_comp.formula
MG non-polymer 'MAGNESIUM ION' 'Mg 2'
ZN non-polymer 'ZINC ION' 'Zn 2'
#
# COMPACT_ATOMS: atom_id res chain seq x y z
N GLU A 5 1.83 -31.41 21.31
CA GLU A 5 0.78 -30.43 20.93
C GLU A 5 1.13 -29.83 19.55
N ASN A 6 0.35 -28.85 19.11
CA ASN A 6 0.57 -28.17 17.83
C ASN A 6 0.98 -26.72 18.10
N CYS A 7 1.54 -26.52 19.29
CA CYS A 7 1.98 -25.21 19.75
C CYS A 7 3.41 -24.89 19.36
N ILE A 8 3.59 -23.81 18.61
CA ILE A 8 4.93 -23.41 18.17
C ILE A 8 5.85 -23.10 19.37
N PHE A 9 5.30 -22.50 20.44
CA PHE A 9 6.09 -22.16 21.63
C PHE A 9 6.50 -23.41 22.39
N CYS A 10 5.65 -24.43 22.39
CA CYS A 10 6.00 -25.66 23.09
C CYS A 10 7.14 -26.32 22.34
N LYS A 11 7.18 -26.11 21.03
CA LYS A 11 8.25 -26.66 20.22
C LYS A 11 9.57 -25.97 20.47
N ILE A 12 9.51 -24.69 20.83
CA ILE A 12 10.70 -23.89 21.14
C ILE A 12 11.23 -24.37 22.49
N ILE A 13 10.31 -24.62 23.41
CA ILE A 13 10.63 -25.08 24.76
C ILE A 13 11.30 -26.45 24.68
N ALA A 14 10.75 -27.32 23.84
CA ALA A 14 11.28 -28.66 23.68
C ALA A 14 12.63 -28.65 22.97
N GLY A 15 12.89 -27.60 22.20
CA GLY A 15 14.15 -27.52 21.50
C GLY A 15 14.07 -27.85 20.02
N ASP A 16 12.87 -28.11 19.51
CA ASP A 16 12.69 -28.44 18.10
C ASP A 16 12.97 -27.21 17.23
N ILE A 17 12.39 -26.08 17.61
CA ILE A 17 12.59 -24.83 16.87
C ILE A 17 13.66 -24.02 17.62
N PRO A 18 14.65 -23.49 16.90
CA PRO A 18 15.70 -22.69 17.55
C PRO A 18 15.14 -21.36 18.07
N SER A 19 15.87 -20.73 18.98
CA SER A 19 15.44 -19.46 19.54
C SER A 19 16.61 -18.72 20.20
N ALA A 20 16.51 -17.40 20.28
CA ALA A 20 17.56 -16.59 20.90
C ALA A 20 17.19 -16.51 22.37
N LYS A 21 17.62 -17.51 23.14
CA LYS A 21 17.32 -17.59 24.56
C LYS A 21 17.89 -16.47 25.43
N VAL A 22 16.99 -15.85 26.18
CA VAL A 22 17.35 -14.76 27.07
C VAL A 22 17.38 -15.23 28.53
N TYR A 23 16.47 -16.13 28.86
CA TYR A 23 16.35 -16.63 30.22
C TYR A 23 15.75 -18.02 30.25
N GLU A 24 16.20 -18.82 31.20
CA GLU A 24 15.64 -20.15 31.32
C GLU A 24 15.90 -20.74 32.69
N ASP A 25 14.85 -21.32 33.26
CA ASP A 25 14.99 -21.99 34.53
C ASP A 25 14.06 -23.19 34.48
N GLU A 26 13.78 -23.70 35.66
CA GLU A 26 12.91 -24.85 35.84
C GLU A 26 11.57 -24.78 35.12
N HIS A 27 10.87 -23.66 35.28
CA HIS A 27 9.53 -23.54 34.69
C HIS A 27 9.29 -22.38 33.75
N VAL A 28 10.35 -21.63 33.44
CA VAL A 28 10.21 -20.47 32.58
C VAL A 28 11.26 -20.39 31.46
N LEU A 29 10.85 -19.95 30.28
CA LEU A 29 11.74 -19.77 29.16
C LEU A 29 11.41 -18.40 28.54
N ALA A 30 12.45 -17.59 28.33
CA ALA A 30 12.28 -16.26 27.71
C ALA A 30 13.24 -16.20 26.54
N PHE A 31 12.76 -15.65 25.43
CA PHE A 31 13.56 -15.52 24.22
C PHE A 31 13.10 -14.28 23.44
N LEU A 32 13.96 -13.80 22.56
CA LEU A 32 13.64 -12.61 21.77
C LEU A 32 12.51 -12.87 20.79
N ASP A 33 11.69 -11.86 20.56
CA ASP A 33 10.62 -11.97 19.60
C ASP A 33 11.26 -11.54 18.29
N ILE A 34 11.30 -12.43 17.31
CA ILE A 34 11.93 -12.10 16.03
C ILE A 34 11.32 -10.88 15.35
N SER A 35 10.13 -10.46 15.78
CA SER A 35 9.50 -9.28 15.21
C SER A 35 10.29 -8.06 15.66
N GLN A 36 10.88 -8.15 16.84
CA GLN A 36 11.65 -7.06 17.44
C GLN A 36 10.99 -5.69 17.24
N VAL A 37 9.75 -5.51 17.74
CA VAL A 37 9.08 -4.22 17.59
C VAL A 37 10.03 -3.14 18.10
N THR A 38 10.94 -3.52 18.99
CA THR A 38 11.99 -2.62 19.48
C THR A 38 13.15 -3.54 19.82
N LYS A 39 14.35 -2.99 19.87
CA LYS A 39 15.53 -3.79 20.16
C LYS A 39 15.43 -4.33 21.59
N GLY A 40 15.53 -5.64 21.75
CA GLY A 40 15.45 -6.25 23.07
C GLY A 40 14.10 -6.86 23.37
N HIS A 41 13.16 -6.67 22.44
CA HIS A 41 11.82 -7.24 22.54
C HIS A 41 11.94 -8.70 22.96
N THR A 42 11.34 -9.06 24.10
CA THR A 42 11.43 -10.43 24.63
C THR A 42 10.08 -11.04 25.03
N LEU A 43 9.95 -12.34 24.78
CA LEU A 43 8.74 -13.10 25.15
C LEU A 43 9.11 -13.98 26.34
N VAL A 44 8.36 -13.86 27.43
CA VAL A 44 8.59 -14.64 28.65
C VAL A 44 7.39 -15.58 28.73
N ILE A 45 7.66 -16.88 28.77
CA ILE A 45 6.58 -17.87 28.80
C ILE A 45 6.84 -19.01 29.78
N PRO A 46 5.77 -19.67 30.26
CA PRO A 46 5.91 -20.80 31.20
C PRO A 46 6.20 -22.05 30.41
N LYS A 47 7.11 -22.88 30.89
CA LYS A 47 7.41 -24.11 30.18
C LYS A 47 6.16 -24.98 30.10
N THR A 48 5.29 -24.88 31.10
CA THR A 48 4.06 -25.67 31.07
C THR A 48 3.08 -24.98 30.12
N HIS A 49 2.50 -25.75 29.22
CA HIS A 49 1.57 -25.22 28.25
C HIS A 49 0.19 -24.82 28.79
N ILE A 50 -0.16 -23.57 28.58
CA ILE A 50 -1.47 -23.04 28.96
C ILE A 50 -1.79 -22.05 27.84
N GLU A 51 -3.03 -22.08 27.37
CA GLU A 51 -3.46 -21.24 26.27
C GLU A 51 -3.44 -19.75 26.57
N ASN A 52 -3.81 -19.40 27.80
CA ASN A 52 -3.90 -18.00 28.17
C ASN A 52 -3.84 -17.76 29.68
N VAL A 53 -3.95 -16.49 30.07
CA VAL A 53 -3.91 -16.09 31.47
C VAL A 53 -5.02 -16.71 32.32
N TYR A 54 -6.08 -17.20 31.69
CA TYR A 54 -7.19 -17.79 32.44
C TYR A 54 -6.85 -19.18 33.01
N GLU A 55 -5.96 -19.89 32.33
CA GLU A 55 -5.58 -21.23 32.75
C GLU A 55 -4.47 -21.27 33.81
N PHE A 56 -4.15 -20.12 34.38
CA PHE A 56 -3.14 -20.05 35.42
C PHE A 56 -3.64 -20.64 36.73
N THR A 57 -2.79 -21.41 37.40
CA THR A 57 -3.09 -21.97 38.72
C THR A 57 -2.18 -21.16 39.64
N ASP A 58 -2.46 -21.14 40.94
CA ASP A 58 -1.61 -20.38 41.84
C ASP A 58 -0.15 -20.83 41.77
N GLU A 59 0.09 -22.13 41.79
CA GLU A 59 1.45 -22.67 41.75
C GLU A 59 2.18 -22.26 40.48
N LEU A 60 1.52 -22.37 39.35
CA LEU A 60 2.16 -21.99 38.09
C LEU A 60 2.38 -20.48 38.09
N ALA A 61 1.48 -19.73 38.72
CA ALA A 61 1.62 -18.27 38.79
C ALA A 61 2.83 -17.91 39.64
N LYS A 62 3.02 -18.65 40.73
CA LYS A 62 4.15 -18.41 41.60
C LYS A 62 5.47 -18.72 40.91
N GLN A 63 5.49 -19.78 40.10
CA GLN A 63 6.72 -20.15 39.41
C GLN A 63 6.97 -19.36 38.13
N TYR A 64 6.06 -18.45 37.78
CA TYR A 64 6.19 -17.71 36.54
C TYR A 64 6.55 -16.23 36.63
N PHE A 65 5.73 -15.45 37.31
CA PHE A 65 5.89 -14.00 37.40
C PHE A 65 7.22 -13.43 37.88
N HIS A 66 7.86 -14.06 38.85
CA HIS A 66 9.13 -13.60 39.39
C HIS A 66 10.20 -13.35 38.30
N ALA A 67 10.07 -14.07 37.19
CA ALA A 67 11.02 -13.93 36.09
C ALA A 67 10.87 -12.63 35.30
N VAL A 68 9.66 -12.10 35.23
CA VAL A 68 9.40 -10.86 34.50
C VAL A 68 10.19 -9.68 35.04
N PRO A 69 10.19 -9.47 36.37
CA PRO A 69 10.94 -8.32 36.90
C PRO A 69 12.44 -8.53 36.70
N LYS A 70 12.88 -9.78 36.75
CA LYS A 70 14.30 -10.08 36.56
C LYS A 70 14.72 -9.81 35.12
N ILE A 71 13.88 -10.24 34.18
CA ILE A 71 14.19 -10.03 32.78
C ILE A 71 14.10 -8.55 32.42
N ALA A 72 13.10 -7.87 32.99
CA ALA A 72 12.91 -6.45 32.77
C ALA A 72 14.17 -5.68 33.18
N ARG A 73 14.69 -5.98 34.37
CA ARG A 73 15.90 -5.31 34.85
C ARG A 73 17.12 -5.59 33.97
N ALA A 74 17.22 -6.81 33.45
CA ALA A 74 18.33 -7.18 32.57
C ALA A 74 18.26 -6.39 31.26
N ILE A 75 17.07 -6.25 30.72
CA ILE A 75 16.87 -5.50 29.50
C ILE A 75 17.09 -4.01 29.79
N ARG A 76 16.80 -3.61 31.02
CA ARG A 76 16.99 -2.22 31.45
C ARG A 76 18.46 -1.85 31.48
N ASP A 77 19.26 -2.68 32.13
CA ASP A 77 20.68 -2.43 32.27
C ASP A 77 21.46 -2.62 30.97
N GLU A 78 21.00 -3.54 30.13
CA GLU A 78 21.68 -3.79 28.87
C GLU A 78 21.47 -2.69 27.83
N PHE A 79 20.23 -2.26 27.64
CA PHE A 79 19.92 -1.24 26.64
C PHE A 79 19.61 0.17 27.13
N GLU A 80 19.55 0.36 28.43
CA GLU A 80 19.24 1.66 29.02
C GLU A 80 18.09 2.40 28.32
N PRO A 81 16.94 1.77 28.18
CA PRO A 81 15.80 2.42 27.52
C PRO A 81 15.21 3.54 28.40
N ILE A 82 14.34 4.35 27.81
CA ILE A 82 13.70 5.45 28.54
C ILE A 82 12.31 5.01 29.00
N GLY A 83 12.03 3.71 28.90
CA GLY A 83 10.74 3.19 29.29
C GLY A 83 10.65 1.70 29.00
N LEU A 84 9.56 1.08 29.42
CA LEU A 84 9.36 -0.36 29.19
C LEU A 84 7.93 -0.77 29.53
N ASN A 85 7.36 -1.62 28.67
CA ASN A 85 6.01 -2.11 28.89
C ASN A 85 6.02 -3.63 28.92
N THR A 86 4.94 -4.20 29.48
CA THR A 86 4.75 -5.64 29.50
C THR A 86 3.31 -5.78 28.98
N LEU A 87 3.14 -6.65 27.98
CA LEU A 87 1.84 -6.85 27.35
C LEU A 87 1.51 -8.31 27.15
N ASN A 88 0.29 -8.67 27.56
CA ASN A 88 -0.22 -10.03 27.44
C ASN A 88 -1.48 -9.94 26.61
N ASN A 89 -1.62 -10.81 25.62
CA ASN A 89 -2.80 -10.81 24.76
C ASN A 89 -3.56 -12.12 24.90
N ASN A 90 -4.87 -12.01 25.15
CA ASN A 90 -5.72 -13.17 25.30
C ASN A 90 -6.89 -13.10 24.34
N GLY A 91 -6.85 -13.99 23.34
CA GLY A 91 -7.90 -14.01 22.32
C GLY A 91 -7.37 -13.40 21.04
N GLU A 92 -7.75 -13.98 19.91
CA GLU A 92 -7.32 -13.47 18.61
C GLU A 92 -7.66 -11.99 18.49
N LYS A 93 -8.83 -11.62 18.99
CA LYS A 93 -9.26 -10.22 18.91
C LYS A 93 -8.47 -9.29 19.83
N ALA A 94 -7.67 -9.85 20.72
CA ALA A 94 -6.87 -9.06 21.64
C ALA A 94 -5.42 -9.00 21.17
N GLY A 95 -5.13 -9.67 20.06
CA GLY A 95 -3.78 -9.67 19.51
C GLY A 95 -3.04 -10.98 19.67
N GLN A 96 -3.69 -11.97 20.28
CA GLN A 96 -3.04 -13.25 20.49
C GLN A 96 -2.87 -14.04 19.19
N SER A 97 -1.60 -14.17 18.76
CA SER A 97 -1.23 -14.87 17.53
C SER A 97 -0.80 -16.32 17.81
N VAL A 98 -0.18 -16.55 18.95
CA VAL A 98 0.28 -17.88 19.36
C VAL A 98 -0.46 -18.17 20.66
N PHE A 99 -1.24 -19.26 20.65
CA PHE A 99 -2.04 -19.64 21.80
C PHE A 99 -1.36 -20.45 22.91
N HIS A 100 -0.42 -19.78 23.55
CA HIS A 100 0.34 -20.32 24.65
C HIS A 100 0.66 -19.04 25.42
N TYR A 101 0.18 -18.94 26.65
CA TYR A 101 0.42 -17.74 27.45
C TYR A 101 1.84 -17.20 27.29
N HIS A 102 1.95 -15.89 27.14
CA HIS A 102 3.23 -15.22 26.99
C HIS A 102 3.17 -13.75 27.38
N MET A 103 4.28 -13.23 27.88
CA MET A 103 4.37 -11.85 28.29
C MET A 103 5.37 -11.13 27.38
N HIS A 104 4.91 -10.07 26.73
CA HIS A 104 5.79 -9.29 25.87
C HIS A 104 6.51 -8.28 26.76
N ILE A 105 7.83 -8.30 26.77
CA ILE A 105 8.56 -7.30 27.52
C ILE A 105 9.13 -6.41 26.43
N ILE A 106 8.61 -5.20 26.35
CA ILE A 106 8.99 -4.25 25.30
C ILE A 106 9.70 -2.99 25.76
N PRO A 107 11.02 -2.91 25.54
CA PRO A 107 11.73 -1.70 25.95
C PRO A 107 11.32 -0.57 24.99
N ARG A 108 11.27 0.65 25.50
CA ARG A 108 10.89 1.82 24.69
C ARG A 108 12.09 2.76 24.56
N TYR A 109 12.31 3.28 23.36
CA TYR A 109 13.42 4.18 23.10
C TYR A 109 12.92 5.51 22.53
N GLY A 110 11.61 5.57 22.29
CA GLY A 110 11.01 6.78 21.75
C GLY A 110 10.79 6.73 20.26
N LYS A 111 11.31 7.73 19.55
CA LYS A 111 11.16 7.80 18.10
C LYS A 111 11.60 6.47 17.47
N GLY A 112 10.70 5.84 16.73
CA GLY A 112 11.05 4.59 16.09
C GLY A 112 10.44 3.36 16.74
N ASP A 113 9.95 3.48 17.97
CA ASP A 113 9.35 2.34 18.65
C ASP A 113 8.24 1.70 17.83
N GLY A 114 8.35 0.40 17.60
CA GLY A 114 7.34 -0.30 16.84
C GLY A 114 6.10 -0.57 17.66
N PHE A 115 6.15 -0.28 18.95
CA PHE A 115 4.99 -0.49 19.82
C PHE A 115 4.46 0.81 20.39
N GLY A 116 3.14 0.90 20.50
CA GLY A 116 2.50 2.08 21.04
C GLY A 116 1.09 1.74 21.40
N ALA A 117 0.56 2.40 22.42
CA ALA A 117 -0.80 2.13 22.89
C ALA A 117 -1.84 3.19 22.52
N VAL A 118 -2.93 2.74 21.94
CA VAL A 118 -4.02 3.63 21.59
C VAL A 118 -4.84 3.74 22.87
N TRP A 119 -4.96 4.96 23.40
CA TRP A 119 -5.68 5.16 24.66
C TRP A 119 -6.83 6.15 24.49
N LYS A 120 -8.07 5.66 24.64
CA LYS A 120 -9.26 6.49 24.52
C LYS A 120 -10.06 6.41 25.81
N THR A 121 -10.03 7.49 26.58
CA THR A 121 -10.74 7.57 27.85
C THR A 121 -12.23 7.81 27.65
N HIS A 122 -13.05 7.25 28.54
CA HIS A 122 -14.50 7.38 28.46
C HIS A 122 -15.05 7.56 29.86
N ALA A 123 -14.37 8.39 30.64
CA ALA A 123 -14.78 8.65 32.03
C ALA A 123 -16.14 9.33 32.19
N ASP A 124 -16.48 10.25 31.29
CA ASP A 124 -17.76 10.95 31.39
C ASP A 124 -18.94 10.08 30.96
N ASP A 125 -18.65 8.85 30.54
CA ASP A 125 -19.68 7.91 30.11
C ASP A 125 -20.21 7.07 31.26
N TYR A 126 -19.64 7.25 32.46
CA TYR A 126 -20.07 6.50 33.63
C TYR A 126 -20.29 7.40 34.83
N LYS A 127 -21.28 7.04 35.64
CA LYS A 127 -21.59 7.80 36.85
C LYS A 127 -20.95 7.03 38.02
N PRO A 128 -20.73 7.72 39.15
CA PRO A 128 -20.11 7.07 40.32
C PRO A 128 -20.83 5.79 40.76
N GLU A 129 -22.14 5.77 40.57
CA GLU A 129 -22.96 4.62 40.94
C GLU A 129 -22.74 3.46 39.98
N ASP A 130 -22.48 3.79 38.73
CA ASP A 130 -22.25 2.77 37.69
C ASP A 130 -20.95 2.01 37.95
N LEU A 131 -19.93 2.74 38.40
CA LEU A 131 -18.64 2.14 38.69
C LEU A 131 -18.80 1.18 39.85
N GLN A 132 -19.66 1.55 40.79
CA GLN A 132 -19.92 0.73 41.95
C GLN A 132 -20.61 -0.57 41.52
N ASN A 133 -21.57 -0.45 40.60
CA ASN A 133 -22.29 -1.62 40.11
C ASN A 133 -21.38 -2.53 39.32
N ILE A 134 -20.59 -1.95 38.43
CA ILE A 134 -19.67 -2.73 37.60
C ILE A 134 -18.62 -3.44 38.44
N SER A 135 -18.07 -2.72 39.42
CA SER A 135 -17.06 -3.30 40.29
C SER A 135 -17.66 -4.40 41.16
N SER A 136 -18.76 -4.07 41.84
CA SER A 136 -19.43 -5.05 42.69
C SER A 136 -19.73 -6.34 41.92
N SER A 137 -20.27 -6.21 40.72
CA SER A 137 -20.59 -7.38 39.91
C SER A 137 -19.37 -8.29 39.76
N ILE A 138 -18.22 -7.69 39.45
CA ILE A 138 -16.98 -8.44 39.26
C ILE A 138 -16.53 -9.10 40.57
N ALA A 139 -16.59 -8.32 41.65
CA ALA A 139 -16.20 -8.78 42.99
C ALA A 139 -17.04 -9.95 43.50
N LYS A 140 -18.25 -10.12 42.96
CA LYS A 140 -19.10 -11.21 43.40
C LYS A 140 -18.51 -12.57 43.07
N ARG A 141 -17.93 -12.68 41.88
CA ARG A 141 -17.34 -13.94 41.45
C ARG A 141 -16.04 -14.19 42.20
N LEU A 142 -15.35 -13.13 42.57
CA LEU A 142 -14.09 -13.25 43.31
C LEU A 142 -14.32 -13.61 44.78
N ALA A 143 -15.36 -14.41 45.01
CA ALA A 143 -15.73 -14.86 46.35
C ALA A 143 -16.83 -15.91 46.27
N GLU B 5 4.27 11.78 50.16
CA GLU B 5 3.59 10.74 49.33
C GLU B 5 2.50 11.33 48.47
N ASN B 6 2.87 11.90 47.32
CA ASN B 6 1.88 12.49 46.41
C ASN B 6 1.41 11.44 45.41
N CYS B 7 1.22 10.21 45.90
CA CYS B 7 0.78 9.09 45.07
C CYS B 7 -0.72 8.86 45.18
N ILE B 8 -1.42 9.00 44.07
CA ILE B 8 -2.87 8.82 44.06
C ILE B 8 -3.30 7.40 44.42
N PHE B 9 -2.46 6.41 44.11
CA PHE B 9 -2.78 5.01 44.40
C PHE B 9 -2.61 4.65 45.88
N CYS B 10 -1.64 5.30 46.53
CA CYS B 10 -1.44 5.05 47.95
C CYS B 10 -2.61 5.62 48.72
N LYS B 11 -3.18 6.72 48.22
CA LYS B 11 -4.32 7.35 48.89
C LYS B 11 -5.59 6.53 48.66
N ILE B 12 -5.63 5.76 47.56
CA ILE B 12 -6.79 4.92 47.29
C ILE B 12 -6.65 3.68 48.19
N ILE B 13 -5.42 3.24 48.42
CA ILE B 13 -5.17 2.08 49.28
C ILE B 13 -5.48 2.47 50.72
N ALA B 14 -5.13 3.71 51.07
CA ALA B 14 -5.35 4.25 52.41
C ALA B 14 -6.79 4.74 52.61
N GLY B 15 -7.61 4.59 51.58
CA GLY B 15 -9.00 5.01 51.68
C GLY B 15 -9.27 6.51 51.59
N ASP B 16 -8.21 7.32 51.56
CA ASP B 16 -8.38 8.77 51.46
C ASP B 16 -9.16 9.21 50.22
N ILE B 17 -9.12 8.36 49.18
CA ILE B 17 -9.81 8.63 47.92
C ILE B 17 -10.70 7.41 47.63
N PRO B 18 -11.99 7.66 47.31
CA PRO B 18 -12.92 6.56 47.02
C PRO B 18 -12.54 5.80 45.76
N SER B 19 -12.94 4.53 45.70
CA SER B 19 -12.64 3.69 44.54
C SER B 19 -13.67 2.59 44.36
N ALA B 20 -13.78 2.07 43.14
CA ALA B 20 -14.71 0.98 42.86
C ALA B 20 -13.88 -0.29 42.91
N LYS B 21 -13.83 -0.89 44.11
CA LYS B 21 -13.04 -2.10 44.37
C LYS B 21 -13.63 -3.38 43.77
N VAL B 22 -12.74 -4.25 43.29
CA VAL B 22 -13.19 -5.50 42.71
C VAL B 22 -12.50 -6.66 43.40
N TYR B 23 -11.34 -6.38 43.97
CA TYR B 23 -10.59 -7.41 44.67
C TYR B 23 -9.68 -6.77 45.70
N GLU B 24 -9.47 -7.47 46.80
CA GLU B 24 -8.59 -6.99 47.85
C GLU B 24 -8.20 -8.07 48.85
N ASP B 25 -6.91 -8.10 49.18
CA ASP B 25 -6.37 -9.02 50.19
C ASP B 25 -5.28 -8.28 50.95
N GLU B 26 -4.42 -9.04 51.63
CA GLU B 26 -3.37 -8.44 52.43
C GLU B 26 -2.31 -7.62 51.67
N HIS B 27 -1.98 -8.02 50.45
CA HIS B 27 -0.94 -7.33 49.69
C HIS B 27 -1.40 -6.72 48.37
N VAL B 28 -2.59 -7.10 47.92
CA VAL B 28 -3.09 -6.60 46.65
C VAL B 28 -4.40 -5.83 46.76
N LEU B 29 -4.60 -4.90 45.83
CA LEU B 29 -5.82 -4.11 45.76
C LEU B 29 -6.12 -3.86 44.28
N ALA B 30 -7.33 -4.24 43.88
CA ALA B 30 -7.78 -4.05 42.50
C ALA B 30 -9.03 -3.15 42.51
N PHE B 31 -9.12 -2.28 41.50
CA PHE B 31 -10.23 -1.35 41.39
C PHE B 31 -10.37 -0.82 39.96
N LEU B 32 -11.59 -0.44 39.60
CA LEU B 32 -11.87 0.08 38.27
C LEU B 32 -11.10 1.36 37.94
N ASP B 33 -10.62 1.47 36.71
CA ASP B 33 -9.91 2.68 36.29
C ASP B 33 -11.04 3.60 35.84
N ILE B 34 -11.12 4.79 36.43
CA ILE B 34 -12.19 5.73 36.06
C ILE B 34 -12.17 6.14 34.60
N SER B 35 -11.05 5.85 33.92
CA SER B 35 -10.91 6.18 32.50
C SER B 35 -11.75 5.21 31.67
N GLN B 36 -11.96 4.01 32.21
CA GLN B 36 -12.73 2.96 31.55
C GLN B 36 -12.51 2.88 30.05
N VAL B 37 -11.29 2.54 29.63
CA VAL B 37 -10.97 2.41 28.21
C VAL B 37 -12.03 1.51 27.60
N THR B 38 -12.46 0.53 28.38
CA THR B 38 -13.50 -0.39 27.98
C THR B 38 -14.26 -0.71 29.26
N LYS B 39 -15.49 -1.19 29.13
CA LYS B 39 -16.30 -1.53 30.29
C LYS B 39 -15.62 -2.67 31.05
N GLY B 40 -15.20 -2.37 32.28
CA GLY B 40 -14.54 -3.37 33.10
C GLY B 40 -13.05 -3.09 33.30
N HIS B 41 -12.58 -1.98 32.74
CA HIS B 41 -11.18 -1.59 32.84
C HIS B 41 -10.75 -1.57 34.31
N THR B 42 -9.90 -2.53 34.68
CA THR B 42 -9.44 -2.65 36.06
C THR B 42 -7.96 -2.40 36.30
N LEU B 43 -7.63 -1.85 37.46
CA LEU B 43 -6.25 -1.61 37.86
C LEU B 43 -5.93 -2.54 39.02
N VAL B 44 -4.86 -3.32 38.87
CA VAL B 44 -4.44 -4.25 39.90
C VAL B 44 -3.09 -3.76 40.40
N ILE B 45 -3.06 -3.35 41.66
CA ILE B 45 -1.82 -2.83 42.23
C ILE B 45 -1.51 -3.48 43.58
N PRO B 46 -0.23 -3.48 43.98
CA PRO B 46 0.18 -4.05 45.26
C PRO B 46 0.03 -2.92 46.26
N LYS B 47 -0.26 -3.24 47.52
CA LYS B 47 -0.41 -2.18 48.52
C LYS B 47 0.95 -1.58 48.83
N THR B 48 2.01 -2.38 48.73
CA THR B 48 3.35 -1.89 48.99
C THR B 48 3.65 -0.85 47.89
N HIS B 49 4.23 0.28 48.28
CA HIS B 49 4.53 1.29 47.27
C HIS B 49 5.78 0.91 46.48
N ILE B 50 5.55 0.28 45.33
CA ILE B 50 6.62 -0.12 44.45
C ILE B 50 6.45 0.77 43.21
N GLU B 51 7.48 1.52 42.85
CA GLU B 51 7.41 2.44 41.71
C GLU B 51 7.14 1.80 40.37
N ASN B 52 7.89 0.74 40.08
CA ASN B 52 7.75 0.08 38.79
C ASN B 52 8.03 -1.41 38.86
N VAL B 53 8.01 -2.07 37.71
CA VAL B 53 8.23 -3.50 37.67
C VAL B 53 9.63 -3.91 38.13
N TYR B 54 10.59 -3.00 38.03
CA TYR B 54 11.98 -3.27 38.41
C TYR B 54 12.20 -3.50 39.90
N GLU B 55 11.40 -2.84 40.73
CA GLU B 55 11.50 -2.94 42.19
C GLU B 55 10.86 -4.19 42.79
N PHE B 56 10.31 -5.05 41.94
CA PHE B 56 9.70 -6.27 42.40
C PHE B 56 10.74 -7.26 42.90
N THR B 57 10.48 -7.87 44.06
CA THR B 57 11.36 -8.91 44.61
C THR B 57 10.52 -10.17 44.39
N ASP B 58 11.14 -11.34 44.52
CA ASP B 58 10.42 -12.60 44.36
C ASP B 58 9.29 -12.72 45.39
N GLU B 59 9.59 -12.37 46.63
CA GLU B 59 8.60 -12.45 47.68
C GLU B 59 7.41 -11.54 47.37
N LEU B 60 7.67 -10.34 46.86
CA LEU B 60 6.57 -9.43 46.55
C LEU B 60 5.82 -9.87 45.29
N ALA B 61 6.56 -10.42 44.32
CA ALA B 61 5.95 -10.91 43.09
C ALA B 61 4.97 -12.04 43.40
N LYS B 62 5.30 -12.82 44.41
CA LYS B 62 4.45 -13.94 44.82
C LYS B 62 3.14 -13.46 45.45
N GLN B 63 3.19 -12.39 46.23
CA GLN B 63 2.00 -11.85 46.88
C GLN B 63 1.16 -10.99 45.93
N TYR B 64 1.59 -10.88 44.67
CA TYR B 64 0.87 -10.06 43.70
C TYR B 64 0.24 -10.71 42.49
N PHE B 65 1.07 -11.33 41.65
CA PHE B 65 0.60 -11.92 40.39
C PHE B 65 -0.56 -12.91 40.43
N HIS B 66 -0.66 -13.71 41.48
CA HIS B 66 -1.74 -14.70 41.53
C HIS B 66 -3.13 -14.04 41.37
N ALA B 67 -3.26 -12.81 41.87
CA ALA B 67 -4.54 -12.11 41.77
C ALA B 67 -4.93 -11.75 40.32
N VAL B 68 -3.93 -11.54 39.46
CA VAL B 68 -4.17 -11.18 38.07
C VAL B 68 -5.06 -12.18 37.32
N PRO B 69 -4.71 -13.47 37.37
CA PRO B 69 -5.53 -14.48 36.67
C PRO B 69 -6.95 -14.54 37.23
N LYS B 70 -7.07 -14.51 38.55
CA LYS B 70 -8.37 -14.56 39.21
C LYS B 70 -9.24 -13.40 38.73
N ILE B 71 -8.71 -12.19 38.82
CA ILE B 71 -9.46 -11.01 38.41
C ILE B 71 -9.79 -11.07 36.92
N ALA B 72 -8.85 -11.53 36.12
CA ALA B 72 -9.08 -11.64 34.68
C ALA B 72 -10.26 -12.57 34.38
N ARG B 73 -10.28 -13.74 35.01
CA ARG B 73 -11.38 -14.68 34.79
C ARG B 73 -12.71 -14.11 35.25
N ALA B 74 -12.68 -13.38 36.35
CA ALA B 74 -13.89 -12.77 36.90
C ALA B 74 -14.48 -11.80 35.90
N ILE B 75 -13.64 -10.96 35.32
CA ILE B 75 -14.09 -9.98 34.34
C ILE B 75 -14.58 -10.67 33.09
N ARG B 76 -13.89 -11.73 32.68
CA ARG B 76 -14.27 -12.47 31.47
C ARG B 76 -15.63 -13.14 31.63
N ASP B 77 -15.89 -13.68 32.82
CA ASP B 77 -17.17 -14.34 33.06
C ASP B 77 -18.32 -13.34 33.21
N GLU B 78 -18.03 -12.19 33.79
CA GLU B 78 -19.07 -11.18 34.00
C GLU B 78 -19.55 -10.50 32.73
N PHE B 79 -18.62 -10.16 31.84
CA PHE B 79 -18.97 -9.46 30.61
C PHE B 79 -18.67 -10.24 29.34
N GLU B 80 -18.17 -11.45 29.49
CA GLU B 80 -17.88 -12.30 28.34
C GLU B 80 -17.34 -11.59 27.11
N PRO B 81 -16.20 -10.86 27.26
CA PRO B 81 -15.59 -10.15 26.14
C PRO B 81 -15.06 -11.12 25.09
N ILE B 82 -14.69 -10.59 23.93
CA ILE B 82 -14.15 -11.41 22.85
C ILE B 82 -12.63 -11.55 22.98
N GLY B 83 -12.05 -10.75 23.88
CA GLY B 83 -10.62 -10.78 24.12
C GLY B 83 -10.28 -10.06 25.42
N LEU B 84 -9.00 -9.99 25.75
CA LEU B 84 -8.57 -9.32 26.97
C LEU B 84 -7.06 -9.13 27.01
N ASN B 85 -6.60 -7.97 27.46
CA ASN B 85 -5.16 -7.73 27.55
C ASN B 85 -4.77 -7.30 28.95
N THR B 86 -3.48 -7.44 29.26
CA THR B 86 -2.93 -6.97 30.52
C THR B 86 -1.78 -6.11 30.04
N LEU B 87 -1.67 -4.92 30.62
CA LEU B 87 -0.65 -3.94 30.26
C LEU B 87 -0.06 -3.26 31.47
N ASN B 88 1.27 -3.16 31.48
CA ASN B 88 1.99 -2.53 32.56
C ASN B 88 2.91 -1.50 31.90
N ASN B 89 2.91 -0.26 32.40
CA ASN B 89 3.77 0.77 31.83
C ASN B 89 4.79 1.22 32.87
N ASN B 90 6.04 1.32 32.44
CA ASN B 90 7.13 1.72 33.31
C ASN B 90 7.89 2.90 32.73
N GLY B 91 7.68 4.07 33.29
CA GLY B 91 8.34 5.27 32.80
C GLY B 91 7.39 6.15 32.02
N GLU B 92 7.54 7.45 32.24
CA GLU B 92 6.74 8.47 31.59
C GLU B 92 6.54 8.20 30.11
N LYS B 93 7.65 8.07 29.38
CA LYS B 93 7.56 7.82 27.94
C LYS B 93 7.04 6.44 27.57
N ALA B 94 6.83 5.58 28.57
CA ALA B 94 6.30 4.23 28.33
C ALA B 94 4.80 4.28 28.57
N GLY B 95 4.32 5.41 29.07
CA GLY B 95 2.90 5.57 29.33
C GLY B 95 2.52 5.58 30.80
N GLN B 96 3.52 5.55 31.69
CA GLN B 96 3.22 5.55 33.12
C GLN B 96 3.11 6.97 33.68
N SER B 97 1.92 7.35 34.15
CA SER B 97 1.68 8.67 34.72
C SER B 97 1.76 8.68 36.25
N VAL B 98 1.45 7.56 36.88
CA VAL B 98 1.54 7.47 38.35
C VAL B 98 2.70 6.54 38.67
N PHE B 99 3.65 7.01 39.49
CA PHE B 99 4.79 6.18 39.81
C PHE B 99 4.59 5.14 40.92
N HIS B 100 3.56 4.31 40.74
CA HIS B 100 3.23 3.22 41.65
C HIS B 100 2.85 2.09 40.70
N TYR B 101 3.55 0.96 40.79
CA TYR B 101 3.28 -0.16 39.90
C TYR B 101 1.82 -0.51 39.80
N HIS B 102 1.34 -0.68 38.57
CA HIS B 102 -0.05 -1.06 38.33
C HIS B 102 -0.17 -1.81 37.03
N MET B 103 -1.08 -2.78 37.00
CA MET B 103 -1.33 -3.59 35.83
C MET B 103 -2.73 -3.28 35.33
N HIS B 104 -2.87 -3.02 34.03
CA HIS B 104 -4.18 -2.76 33.45
C HIS B 104 -4.75 -4.08 32.95
N ILE B 105 -6.01 -4.33 33.29
CA ILE B 105 -6.70 -5.53 32.81
C ILE B 105 -7.77 -4.99 31.89
N ILE B 106 -7.52 -5.07 30.59
CA ILE B 106 -8.45 -4.53 29.62
C ILE B 106 -9.25 -5.55 28.83
N PRO B 107 -10.56 -5.63 29.10
CA PRO B 107 -11.41 -6.58 28.37
C PRO B 107 -11.63 -5.99 26.99
N ARG B 108 -11.76 -6.84 25.98
CA ARG B 108 -11.96 -6.38 24.61
C ARG B 108 -13.34 -6.80 24.10
N TYR B 109 -13.99 -5.90 23.38
CA TYR B 109 -15.33 -6.18 22.83
C TYR B 109 -15.39 -5.97 21.33
N GLY B 110 -14.32 -5.46 20.75
CA GLY B 110 -14.29 -5.22 19.32
C GLY B 110 -14.37 -3.76 18.95
N LYS B 111 -15.36 -3.41 18.13
CA LYS B 111 -15.55 -2.03 17.70
C LYS B 111 -15.89 -1.12 18.88
N GLY B 112 -15.06 -0.11 19.06
CA GLY B 112 -15.28 0.83 20.15
C GLY B 112 -14.25 0.76 21.27
N ASP B 113 -13.46 -0.31 21.29
CA ASP B 113 -12.45 -0.45 22.34
C ASP B 113 -11.55 0.76 22.43
N GLY B 114 -11.41 1.30 23.64
CA GLY B 114 -10.56 2.47 23.84
C GLY B 114 -9.08 2.09 23.87
N PHE B 115 -8.79 0.81 23.67
CA PHE B 115 -7.40 0.35 23.66
C PHE B 115 -7.07 -0.44 22.41
N GLY B 116 -5.86 -0.21 21.91
CA GLY B 116 -5.38 -0.88 20.72
C GLY B 116 -3.88 -0.77 20.69
N ALA B 117 -3.22 -1.83 20.27
CA ALA B 117 -1.76 -1.86 20.23
C ALA B 117 -1.19 -1.66 18.83
N VAL B 118 -0.48 -0.56 18.63
CA VAL B 118 0.17 -0.27 17.35
C VAL B 118 1.30 -1.31 17.29
N TRP B 119 1.33 -2.11 16.24
CA TRP B 119 2.34 -3.17 16.11
C TRP B 119 3.16 -3.06 14.83
N LYS B 120 4.38 -2.53 14.94
CA LYS B 120 5.25 -2.38 13.78
C LYS B 120 6.42 -3.37 13.84
N THR B 121 6.37 -4.39 13.00
CA THR B 121 7.41 -5.42 12.93
C THR B 121 8.72 -4.87 12.37
N HIS B 122 9.83 -5.55 12.65
CA HIS B 122 11.14 -5.12 12.18
C HIS B 122 12.05 -6.35 12.03
N ALA B 123 11.43 -7.50 11.75
CA ALA B 123 12.17 -8.75 11.62
C ALA B 123 13.26 -8.72 10.55
N ASP B 124 13.02 -8.01 9.46
CA ASP B 124 14.02 -7.95 8.39
C ASP B 124 15.19 -7.04 8.71
N ASP B 125 15.22 -6.50 9.93
CA ASP B 125 16.33 -5.65 10.31
C ASP B 125 17.32 -6.39 11.20
N TYR B 126 17.04 -7.66 11.47
CA TYR B 126 17.92 -8.46 12.32
C TYR B 126 18.25 -9.83 11.73
N LYS B 127 19.53 -10.18 11.77
CA LYS B 127 19.97 -11.48 11.27
C LYS B 127 20.03 -12.44 12.45
N PRO B 128 19.99 -13.75 12.18
CA PRO B 128 20.04 -14.75 13.26
C PRO B 128 21.18 -14.57 14.24
N GLU B 129 22.33 -14.11 13.75
CA GLU B 129 23.46 -13.93 14.65
C GLU B 129 23.34 -12.70 15.53
N ASP B 130 22.65 -11.67 15.04
CA ASP B 130 22.47 -10.45 15.82
C ASP B 130 21.58 -10.80 17.02
N LEU B 131 20.48 -11.48 16.73
CA LEU B 131 19.53 -11.90 17.76
C LEU B 131 20.22 -12.71 18.83
N GLN B 132 21.13 -13.59 18.40
CA GLN B 132 21.87 -14.46 19.30
C GLN B 132 22.83 -13.66 20.19
N ASN B 133 23.40 -12.58 19.64
CA ASN B 133 24.32 -11.73 20.40
C ASN B 133 23.53 -10.89 21.39
N ILE B 134 22.38 -10.40 20.95
CA ILE B 134 21.50 -9.60 21.80
C ILE B 134 21.00 -10.43 22.98
N SER B 135 20.39 -11.57 22.69
CA SER B 135 19.87 -12.43 23.73
C SER B 135 21.00 -12.87 24.65
N SER B 136 22.13 -13.20 24.06
CA SER B 136 23.27 -13.66 24.84
C SER B 136 23.72 -12.60 25.85
N SER B 137 23.60 -11.34 25.47
CA SER B 137 24.00 -10.24 26.34
C SER B 137 23.03 -10.07 27.51
N ILE B 138 21.74 -10.15 27.22
CA ILE B 138 20.75 -10.00 28.27
C ILE B 138 20.86 -11.15 29.23
N ALA B 139 21.03 -12.35 28.68
CA ALA B 139 21.15 -13.54 29.47
C ALA B 139 22.32 -13.47 30.47
N LYS B 140 23.48 -12.97 30.03
CA LYS B 140 24.64 -12.87 30.92
C LYS B 140 24.36 -12.09 32.20
N ARG B 141 23.56 -11.03 32.08
CA ARG B 141 23.22 -10.21 33.23
C ARG B 141 22.28 -10.96 34.15
N LEU B 142 21.56 -11.93 33.58
CA LEU B 142 20.60 -12.75 34.31
C LEU B 142 21.18 -13.95 35.05
N ALA B 143 22.47 -14.21 34.87
CA ALA B 143 23.10 -15.36 35.52
C ALA B 143 23.07 -15.19 37.04
N SER B 144 22.90 -13.95 37.47
CA SER B 144 22.90 -13.62 38.89
C SER B 144 21.52 -13.55 39.51
N SER B 145 20.47 -13.64 38.70
CA SER B 145 19.09 -13.49 39.17
C SER B 145 18.59 -14.53 40.17
N GLU C 5 13.66 9.48 -10.77
CA GLU C 5 12.68 8.68 -11.57
C GLU C 5 11.62 8.10 -10.65
N ASN C 6 10.38 8.50 -10.87
CA ASN C 6 9.28 8.01 -10.07
C ASN C 6 8.42 7.04 -10.90
N CYS C 7 9.08 6.27 -11.76
CA CYS C 7 8.39 5.31 -12.62
C CYS C 7 8.33 3.89 -12.07
N ILE C 8 7.13 3.46 -11.64
CA ILE C 8 6.99 2.12 -11.09
C ILE C 8 7.48 1.00 -12.00
N PHE C 9 7.30 1.15 -13.31
CA PHE C 9 7.77 0.13 -14.25
C PHE C 9 9.29 0.04 -14.29
N CYS C 10 9.97 1.19 -14.26
CA CYS C 10 11.42 1.17 -14.26
C CYS C 10 11.91 0.48 -12.98
N LYS C 11 11.17 0.63 -11.89
CA LYS C 11 11.53 0.01 -10.64
C LYS C 11 11.41 -1.51 -10.79
N ILE C 12 10.44 -1.95 -11.56
CA ILE C 12 10.22 -3.37 -11.82
C ILE C 12 11.37 -3.91 -12.66
N ILE C 13 11.73 -3.14 -13.69
CA ILE C 13 12.83 -3.50 -14.60
C ILE C 13 14.13 -3.55 -13.80
N ALA C 14 14.30 -2.58 -12.89
CA ALA C 14 15.51 -2.53 -12.08
C ALA C 14 15.59 -3.74 -11.14
N GLY C 15 14.44 -4.21 -10.68
CA GLY C 15 14.43 -5.34 -9.77
C GLY C 15 14.09 -4.94 -8.34
N ASP C 16 13.86 -3.66 -8.12
CA ASP C 16 13.53 -3.16 -6.79
C ASP C 16 12.18 -3.67 -6.32
N ILE C 17 11.27 -3.89 -7.26
CA ILE C 17 9.96 -4.42 -6.92
C ILE C 17 9.73 -5.70 -7.73
N PRO C 18 9.21 -6.76 -7.07
CA PRO C 18 8.96 -8.04 -7.71
C PRO C 18 7.89 -8.03 -8.83
N SER C 19 7.92 -9.08 -9.65
CA SER C 19 6.97 -9.23 -10.75
C SER C 19 6.98 -10.66 -11.27
N ALA C 20 5.85 -11.08 -11.85
CA ALA C 20 5.73 -12.42 -12.40
C ALA C 20 6.18 -12.37 -13.87
N LYS C 21 7.47 -12.54 -14.07
CA LYS C 21 8.09 -12.49 -15.40
C LYS C 21 7.71 -13.61 -16.36
N VAL C 22 7.31 -13.22 -17.58
CA VAL C 22 6.97 -14.19 -18.61
C VAL C 22 8.02 -14.16 -19.73
N TYR C 23 8.66 -13.00 -19.93
CA TYR C 23 9.67 -12.87 -20.96
C TYR C 23 10.68 -11.75 -20.68
N GLU C 24 11.91 -11.98 -21.11
CA GLU C 24 12.94 -10.99 -20.92
C GLU C 24 14.17 -11.17 -21.80
N ASP C 25 14.75 -10.06 -22.19
CA ASP C 25 15.97 -10.07 -22.99
C ASP C 25 16.68 -8.74 -22.73
N GLU C 26 17.53 -8.33 -23.67
CA GLU C 26 18.27 -7.09 -23.47
C GLU C 26 17.46 -5.81 -23.57
N HIS C 27 16.37 -5.82 -24.35
CA HIS C 27 15.57 -4.61 -24.53
C HIS C 27 14.10 -4.69 -24.13
N VAL C 28 13.62 -5.89 -23.84
CA VAL C 28 12.22 -6.05 -23.50
C VAL C 28 11.95 -6.87 -22.24
N LEU C 29 10.93 -6.48 -21.48
CA LEU C 29 10.52 -7.20 -20.28
C LEU C 29 9.00 -7.31 -20.28
N ALA C 30 8.50 -8.52 -20.05
CA ALA C 30 7.07 -8.76 -20.00
C ALA C 30 6.78 -9.47 -18.68
N PHE C 31 5.69 -9.10 -18.04
CA PHE C 31 5.27 -9.69 -16.77
C PHE C 31 3.75 -9.58 -16.62
N LEU C 32 3.18 -10.52 -15.87
CA LEU C 32 1.74 -10.51 -15.66
C LEU C 32 1.30 -9.24 -14.94
N ASP C 33 0.16 -8.70 -15.38
CA ASP C 33 -0.43 -7.51 -14.79
C ASP C 33 -1.19 -8.09 -13.59
N ILE C 34 -0.97 -7.54 -12.39
CA ILE C 34 -1.62 -8.04 -11.18
C ILE C 34 -3.13 -7.89 -11.21
N SER C 35 -3.62 -7.01 -12.08
CA SER C 35 -5.06 -6.79 -12.23
C SER C 35 -5.73 -8.01 -12.83
N GLN C 36 -4.99 -8.74 -13.65
CA GLN C 36 -5.53 -9.92 -14.33
C GLN C 36 -6.97 -9.73 -14.82
N VAL C 37 -7.18 -8.82 -15.78
CA VAL C 37 -8.53 -8.60 -16.29
C VAL C 37 -9.06 -9.90 -16.87
N THR C 38 -8.14 -10.78 -17.22
CA THR C 38 -8.42 -12.12 -17.70
C THR C 38 -7.18 -12.90 -17.27
N LYS C 39 -7.34 -14.21 -17.12
CA LYS C 39 -6.25 -15.08 -16.70
C LYS C 39 -5.15 -15.06 -17.77
N GLY C 40 -3.96 -14.60 -17.39
CA GLY C 40 -2.85 -14.55 -18.34
C GLY C 40 -2.57 -13.15 -18.84
N HIS C 41 -3.33 -12.18 -18.34
CA HIS C 41 -3.17 -10.78 -18.69
C HIS C 41 -1.68 -10.41 -18.52
N THR C 42 -1.05 -9.96 -19.61
CA THR C 42 0.38 -9.64 -19.60
C THR C 42 0.75 -8.25 -20.16
N LEU C 43 1.74 -7.62 -19.55
CA LEU C 43 2.24 -6.31 -19.98
C LEU C 43 3.61 -6.50 -20.65
N VAL C 44 3.78 -5.91 -21.84
CA VAL C 44 5.03 -5.99 -22.58
C VAL C 44 5.59 -4.58 -22.70
N ILE C 45 6.75 -4.37 -22.09
CA ILE C 45 7.38 -3.06 -22.09
C ILE C 45 8.83 -3.12 -22.53
N PRO C 46 9.37 -2.01 -23.02
CA PRO C 46 10.76 -1.94 -23.46
C PRO C 46 11.57 -1.62 -22.20
N LYS C 47 12.80 -2.10 -22.12
CA LYS C 47 13.63 -1.85 -20.96
C LYS C 47 13.86 -0.36 -20.83
N THR C 48 14.02 0.33 -21.95
CA THR C 48 14.24 1.77 -21.92
C THR C 48 12.97 2.52 -21.56
N HIS C 49 13.12 3.59 -20.79
CA HIS C 49 11.96 4.36 -20.38
C HIS C 49 11.50 5.39 -21.40
N ILE C 50 10.40 5.08 -22.08
CA ILE C 50 9.79 6.00 -23.02
C ILE C 50 8.37 6.12 -22.47
N GLU C 51 7.84 7.34 -22.47
CA GLU C 51 6.51 7.58 -21.92
C GLU C 51 5.36 6.98 -22.70
N ASN C 52 5.50 6.93 -24.03
CA ASN C 52 4.43 6.46 -24.87
C ASN C 52 4.87 5.95 -26.23
N VAL C 53 3.90 5.68 -27.09
CA VAL C 53 4.20 5.16 -28.42
C VAL C 53 4.89 6.20 -29.31
N TYR C 54 4.59 7.48 -29.10
CA TYR C 54 5.19 8.59 -29.85
C TYR C 54 6.70 8.65 -29.71
N GLU C 55 7.20 8.22 -28.55
CA GLU C 55 8.62 8.25 -28.26
C GLU C 55 9.42 7.08 -28.83
N PHE C 56 8.79 6.30 -29.70
CA PHE C 56 9.46 5.16 -30.31
C PHE C 56 10.41 5.59 -31.44
N THR C 57 11.52 4.88 -31.55
CA THR C 57 12.48 5.14 -32.62
C THR C 57 12.51 3.85 -33.43
N ASP C 58 12.86 3.94 -34.70
CA ASP C 58 12.92 2.76 -35.54
C ASP C 58 13.83 1.72 -34.90
N GLU C 59 14.81 2.20 -34.15
CA GLU C 59 15.75 1.33 -33.47
C GLU C 59 15.04 0.55 -32.36
N LEU C 60 14.34 1.28 -31.52
CA LEU C 60 13.61 0.69 -30.40
C LEU C 60 12.46 -0.19 -30.87
N ALA C 61 11.79 0.25 -31.94
CA ALA C 61 10.67 -0.49 -32.51
C ALA C 61 11.11 -1.91 -32.87
N LYS C 62 12.18 -1.99 -33.64
CA LYS C 62 12.73 -3.27 -34.10
C LYS C 62 13.12 -4.18 -32.95
N GLN C 63 13.61 -3.58 -31.87
CA GLN C 63 14.04 -4.35 -30.70
C GLN C 63 12.86 -4.73 -29.81
N TYR C 64 11.73 -4.03 -29.98
CA TYR C 64 10.55 -4.29 -29.16
C TYR C 64 9.47 -5.21 -29.71
N PHE C 65 8.88 -4.82 -30.85
CA PHE C 65 7.78 -5.56 -31.43
C PHE C 65 7.97 -7.05 -31.69
N HIS C 66 9.16 -7.48 -32.08
CA HIS C 66 9.35 -8.91 -32.33
C HIS C 66 8.96 -9.77 -31.13
N ALA C 67 8.98 -9.19 -29.94
CA ALA C 67 8.63 -9.92 -28.72
C ALA C 67 7.12 -10.16 -28.61
N VAL C 68 6.32 -9.20 -29.08
CA VAL C 68 4.87 -9.30 -29.00
C VAL C 68 4.28 -10.57 -29.61
N PRO C 69 4.62 -10.89 -30.86
CA PRO C 69 4.07 -12.10 -31.48
C PRO C 69 4.48 -13.35 -30.71
N LYS C 70 5.74 -13.42 -30.30
CA LYS C 70 6.24 -14.58 -29.55
C LYS C 70 5.48 -14.75 -28.25
N ILE C 71 5.33 -13.65 -27.50
CA ILE C 71 4.63 -13.68 -26.24
C ILE C 71 3.15 -14.01 -26.44
N ALA C 72 2.59 -13.50 -27.53
CA ALA C 72 1.18 -13.75 -27.83
C ALA C 72 0.95 -15.25 -28.03
N ARG C 73 1.85 -15.90 -28.77
CA ARG C 73 1.73 -17.33 -29.05
C ARG C 73 1.94 -18.16 -27.77
N ALA C 74 2.84 -17.71 -26.89
CA ALA C 74 3.09 -18.44 -25.65
C ALA C 74 1.81 -18.46 -24.81
N ILE C 75 1.23 -17.28 -24.63
CA ILE C 75 0.01 -17.13 -23.86
C ILE C 75 -1.09 -17.99 -24.47
N ARG C 76 -1.21 -17.93 -25.80
CA ARG C 76 -2.19 -18.71 -26.54
C ARG C 76 -2.00 -20.20 -26.28
N ASP C 77 -0.75 -20.67 -26.41
CA ASP C 77 -0.46 -22.09 -26.19
C ASP C 77 -0.74 -22.52 -24.75
N GLU C 78 -0.49 -21.63 -23.80
CA GLU C 78 -0.72 -21.93 -22.39
C GLU C 78 -2.18 -22.09 -22.01
N PHE C 79 -2.97 -21.05 -22.25
CA PHE C 79 -4.37 -21.08 -21.86
C PHE C 79 -5.38 -21.46 -22.95
N GLU C 80 -4.95 -21.46 -24.21
CA GLU C 80 -5.82 -21.81 -25.32
C GLU C 80 -7.13 -21.03 -25.30
N PRO C 81 -7.05 -19.69 -25.27
CA PRO C 81 -8.24 -18.83 -25.24
C PRO C 81 -8.96 -18.85 -26.60
N ILE C 82 -10.16 -18.27 -26.66
CA ILE C 82 -10.92 -18.24 -27.90
C ILE C 82 -10.57 -16.99 -28.72
N GLY C 83 -9.83 -16.09 -28.09
CA GLY C 83 -9.42 -14.86 -28.74
C GLY C 83 -8.29 -14.21 -27.98
N LEU C 84 -7.79 -13.09 -28.51
CA LEU C 84 -6.70 -12.36 -27.87
C LEU C 84 -6.58 -10.94 -28.41
N ASN C 85 -6.46 -9.97 -27.51
CA ASN C 85 -6.29 -8.57 -27.90
C ASN C 85 -4.94 -8.06 -27.40
N THR C 86 -4.47 -6.98 -28.03
CA THR C 86 -3.26 -6.29 -27.61
C THR C 86 -3.76 -4.84 -27.53
N LEU C 87 -3.51 -4.18 -26.42
CA LEU C 87 -3.96 -2.82 -26.21
C LEU C 87 -2.85 -1.96 -25.61
N ASN C 88 -2.70 -0.77 -26.17
CA ASN C 88 -1.71 0.19 -25.73
C ASN C 88 -2.44 1.49 -25.49
N ASN C 89 -2.26 2.06 -24.30
CA ASN C 89 -2.93 3.30 -23.96
C ASN C 89 -1.90 4.42 -23.83
N ASN C 90 -2.16 5.52 -24.54
CA ASN C 90 -1.27 6.67 -24.51
C ASN C 90 -2.09 7.86 -24.02
N GLY C 91 -1.80 8.28 -22.79
CA GLY C 91 -2.51 9.42 -22.22
C GLY C 91 -3.56 9.01 -21.20
N GLU C 92 -3.72 9.87 -20.19
CA GLU C 92 -4.68 9.66 -19.12
C GLU C 92 -6.09 9.35 -19.63
N LYS C 93 -6.63 10.22 -20.48
CA LYS C 93 -7.96 10.03 -21.02
C LYS C 93 -8.05 8.75 -21.85
N ALA C 94 -6.90 8.30 -22.35
CA ALA C 94 -6.84 7.10 -23.16
C ALA C 94 -6.77 5.84 -22.29
N GLY C 95 -6.66 6.03 -20.98
CA GLY C 95 -6.59 4.91 -20.07
C GLY C 95 -5.22 4.58 -19.51
N GLN C 96 -4.24 5.43 -19.76
CA GLN C 96 -2.89 5.18 -19.26
C GLN C 96 -2.64 5.79 -17.87
N SER C 97 -2.17 4.96 -16.95
CA SER C 97 -1.88 5.42 -15.58
C SER C 97 -0.39 5.49 -15.30
N VAL C 98 0.36 4.55 -15.87
CA VAL C 98 1.82 4.49 -15.71
C VAL C 98 2.41 5.01 -17.00
N PHE C 99 3.09 6.15 -16.93
CA PHE C 99 3.66 6.76 -18.11
C PHE C 99 4.96 6.18 -18.62
N HIS C 100 4.91 4.89 -18.90
CA HIS C 100 6.03 4.15 -19.44
C HIS C 100 5.29 3.27 -20.44
N TYR C 101 5.69 3.36 -21.70
CA TYR C 101 5.03 2.60 -22.73
C TYR C 101 4.85 1.14 -22.36
N HIS C 102 3.63 0.66 -22.48
CA HIS C 102 3.33 -0.72 -22.21
C HIS C 102 2.19 -1.21 -23.08
N MET C 103 2.31 -2.47 -23.49
CA MET C 103 1.33 -3.11 -24.34
C MET C 103 0.67 -4.25 -23.56
N HIS C 104 -0.65 -4.17 -23.39
CA HIS C 104 -1.37 -5.23 -22.70
C HIS C 104 -1.62 -6.36 -23.70
N ILE C 105 -1.46 -7.60 -23.25
CA ILE C 105 -1.78 -8.74 -24.08
C ILE C 105 -2.87 -9.40 -23.24
N ILE C 106 -4.09 -9.36 -23.77
CA ILE C 106 -5.29 -9.85 -23.08
C ILE C 106 -5.99 -11.04 -23.73
N PRO C 107 -5.85 -12.24 -23.16
CA PRO C 107 -6.53 -13.39 -23.76
C PRO C 107 -8.05 -13.31 -23.48
N ARG C 108 -8.85 -13.87 -24.38
CA ARG C 108 -10.30 -13.83 -24.23
C ARG C 108 -10.88 -15.25 -24.10
N TYR C 109 -11.72 -15.43 -23.09
CA TYR C 109 -12.35 -16.72 -22.79
C TYR C 109 -13.88 -16.70 -22.96
N GLY C 110 -14.43 -15.49 -23.16
CA GLY C 110 -15.86 -15.35 -23.33
C GLY C 110 -16.54 -14.74 -22.13
N LYS C 111 -17.63 -15.37 -21.70
CA LYS C 111 -18.41 -14.93 -20.54
C LYS C 111 -17.51 -14.76 -19.33
N GLY C 112 -17.32 -13.51 -18.92
CA GLY C 112 -16.49 -13.27 -17.75
C GLY C 112 -15.24 -12.44 -17.98
N ASP C 113 -14.87 -12.21 -19.23
CA ASP C 113 -13.68 -11.43 -19.52
C ASP C 113 -13.82 -10.07 -18.85
N GLY C 114 -12.74 -9.62 -18.23
CA GLY C 114 -12.75 -8.34 -17.56
C GLY C 114 -12.43 -7.21 -18.52
N PHE C 115 -12.23 -7.55 -19.79
CA PHE C 115 -11.95 -6.56 -20.81
C PHE C 115 -12.89 -6.70 -22.00
N GLY C 116 -13.38 -5.55 -22.45
CA GLY C 116 -14.28 -5.50 -23.60
C GLY C 116 -14.14 -4.14 -24.26
N ALA C 117 -14.34 -4.09 -25.57
CA ALA C 117 -14.25 -2.83 -26.30
C ALA C 117 -15.62 -2.24 -26.56
N VAL C 118 -15.79 -0.96 -26.24
CA VAL C 118 -17.05 -0.28 -26.50
C VAL C 118 -16.86 0.28 -27.91
N TRP C 119 -17.65 -0.22 -28.85
CA TRP C 119 -17.54 0.16 -30.26
C TRP C 119 -18.74 1.01 -30.72
N LYS C 120 -18.49 2.30 -30.97
CA LYS C 120 -19.54 3.23 -31.42
C LYS C 120 -19.24 3.74 -32.84
N THR C 121 -19.79 3.07 -33.83
CA THR C 121 -19.59 3.43 -35.23
C THR C 121 -20.24 4.77 -35.58
N HIS C 122 -19.55 5.55 -36.40
CA HIS C 122 -20.04 6.86 -36.83
C HIS C 122 -19.82 7.03 -38.34
N ALA C 123 -19.96 5.94 -39.08
CA ALA C 123 -19.77 5.96 -40.53
C ALA C 123 -20.74 6.92 -41.25
N ASP C 124 -21.97 7.01 -40.76
CA ASP C 124 -22.96 7.87 -41.38
C ASP C 124 -22.68 9.35 -41.17
N ASP C 125 -21.76 9.66 -40.25
CA ASP C 125 -21.39 11.04 -39.95
C ASP C 125 -20.38 11.59 -40.96
N TYR C 126 -19.66 10.71 -41.66
CA TYR C 126 -18.66 11.15 -42.64
C TYR C 126 -19.02 10.71 -44.05
N LYS C 127 -18.92 11.63 -44.99
CA LYS C 127 -19.19 11.31 -46.39
C LYS C 127 -17.85 11.01 -47.05
N PRO C 128 -17.86 10.26 -48.17
CA PRO C 128 -16.64 9.87 -48.90
C PRO C 128 -15.57 10.95 -49.01
N GLU C 129 -15.98 12.15 -49.37
CA GLU C 129 -15.04 13.25 -49.50
C GLU C 129 -14.42 13.59 -48.14
N ASP C 130 -15.25 13.62 -47.11
CA ASP C 130 -14.78 13.91 -45.74
C ASP C 130 -13.67 12.97 -45.31
N LEU C 131 -13.84 11.68 -45.61
CA LEU C 131 -12.83 10.68 -45.26
C LEU C 131 -11.55 10.93 -46.03
N GLN C 132 -11.69 11.25 -47.32
CA GLN C 132 -10.51 11.50 -48.16
C GLN C 132 -9.76 12.73 -47.66
N ASN C 133 -10.46 13.61 -46.95
CA ASN C 133 -9.86 14.82 -46.39
C ASN C 133 -9.00 14.45 -45.18
N ILE C 134 -9.63 13.83 -44.21
CA ILE C 134 -8.97 13.38 -43.00
C ILE C 134 -7.74 12.56 -43.35
N SER C 135 -7.92 11.59 -44.25
CA SER C 135 -6.82 10.74 -44.67
C SER C 135 -5.70 11.53 -45.31
N SER C 136 -6.05 12.60 -46.02
CA SER C 136 -5.04 13.43 -46.68
C SER C 136 -4.27 14.26 -45.67
N SER C 137 -4.98 14.81 -44.69
CA SER C 137 -4.34 15.62 -43.65
C SER C 137 -3.25 14.80 -42.97
N ILE C 138 -3.59 13.59 -42.53
CA ILE C 138 -2.62 12.73 -41.85
C ILE C 138 -1.39 12.51 -42.74
N ALA C 139 -1.64 12.13 -43.99
CA ALA C 139 -0.57 11.87 -44.95
C ALA C 139 0.34 13.09 -45.17
N LYS C 140 -0.19 14.29 -44.96
CA LYS C 140 0.59 15.51 -45.13
C LYS C 140 1.72 15.57 -44.11
N ARG C 141 1.39 15.28 -42.86
CA ARG C 141 2.39 15.30 -41.80
C ARG C 141 3.46 14.23 -41.98
N LEU C 142 3.14 13.17 -42.72
CA LEU C 142 4.11 12.11 -42.97
C LEU C 142 5.01 12.48 -44.14
N GLU D 5 -9.14 -15.19 -53.28
CA GLU D 5 -8.95 -14.48 -51.98
C GLU D 5 -10.21 -13.67 -51.66
N ASN D 6 -10.90 -14.07 -50.60
CA ASN D 6 -12.10 -13.39 -50.17
C ASN D 6 -11.77 -12.41 -49.03
N CYS D 7 -10.55 -11.89 -49.04
CA CYS D 7 -10.11 -10.95 -48.02
C CYS D 7 -10.26 -9.49 -48.43
N ILE D 8 -11.22 -8.80 -47.83
CA ILE D 8 -11.48 -7.39 -48.15
C ILE D 8 -10.25 -6.48 -48.02
N PHE D 9 -9.32 -6.83 -47.13
CA PHE D 9 -8.11 -6.03 -46.94
C PHE D 9 -7.12 -6.31 -48.05
N CYS D 10 -7.05 -7.56 -48.51
CA CYS D 10 -6.14 -7.87 -49.60
C CYS D 10 -6.60 -7.12 -50.86
N LYS D 11 -7.92 -7.01 -51.04
CA LYS D 11 -8.46 -6.32 -52.20
C LYS D 11 -8.18 -4.82 -52.17
N ILE D 12 -8.15 -4.24 -50.98
CA ILE D 12 -7.85 -2.82 -50.83
C ILE D 12 -6.37 -2.62 -51.15
N ILE D 13 -5.54 -3.57 -50.72
CA ILE D 13 -4.12 -3.49 -50.98
C ILE D 13 -3.89 -3.56 -52.48
N ALA D 14 -4.62 -4.47 -53.13
CA ALA D 14 -4.54 -4.67 -54.58
C ALA D 14 -5.06 -3.43 -55.29
N GLY D 15 -6.00 -2.75 -54.65
CA GLY D 15 -6.57 -1.55 -55.23
C GLY D 15 -7.88 -1.84 -55.93
N ASP D 16 -8.40 -3.05 -55.78
CA ASP D 16 -9.66 -3.43 -56.41
C ASP D 16 -10.82 -2.61 -55.84
N ILE D 17 -10.63 -2.06 -54.65
CA ILE D 17 -11.65 -1.21 -54.07
C ILE D 17 -10.95 -0.03 -53.40
N PRO D 18 -11.56 1.16 -53.50
CA PRO D 18 -11.03 2.41 -52.93
C PRO D 18 -10.75 2.40 -51.43
N SER D 19 -9.86 3.29 -51.01
CA SER D 19 -9.49 3.43 -49.61
C SER D 19 -8.85 4.78 -49.34
N ALA D 20 -9.21 5.38 -48.21
CA ALA D 20 -8.66 6.66 -47.79
C ALA D 20 -7.30 6.36 -47.15
N LYS D 21 -6.26 6.31 -47.97
CA LYS D 21 -4.92 6.00 -47.49
C LYS D 21 -4.30 7.09 -46.63
N VAL D 22 -3.54 6.68 -45.60
CA VAL D 22 -2.87 7.64 -44.75
C VAL D 22 -1.36 7.43 -44.83
N TYR D 23 -0.97 6.20 -45.13
CA TYR D 23 0.43 5.84 -45.23
C TYR D 23 0.60 4.55 -46.03
N GLU D 24 1.79 4.35 -46.56
CA GLU D 24 2.11 3.15 -47.33
C GLU D 24 3.57 3.11 -47.75
N ASP D 25 4.08 1.89 -47.86
CA ASP D 25 5.45 1.64 -48.29
C ASP D 25 5.50 0.24 -48.90
N GLU D 26 6.70 -0.32 -49.02
CA GLU D 26 6.88 -1.64 -49.61
C GLU D 26 6.21 -2.80 -48.84
N HIS D 27 6.02 -2.64 -47.54
CA HIS D 27 5.45 -3.72 -46.73
C HIS D 27 4.21 -3.37 -45.92
N VAL D 28 3.93 -2.08 -45.78
CA VAL D 28 2.81 -1.64 -44.98
C VAL D 28 1.81 -0.75 -45.73
N LEU D 29 0.57 -0.75 -45.26
CA LEU D 29 -0.51 0.06 -45.82
C LEU D 29 -1.44 0.47 -44.69
N ALA D 30 -1.67 1.78 -44.57
CA ALA D 30 -2.55 2.29 -43.54
C ALA D 30 -3.65 3.12 -44.17
N PHE D 31 -4.89 2.92 -43.71
CA PHE D 31 -6.04 3.65 -44.23
C PHE D 31 -7.10 3.82 -43.17
N LEU D 32 -7.94 4.84 -43.32
CA LEU D 32 -8.99 5.11 -42.36
C LEU D 32 -9.98 3.96 -42.25
N ASP D 33 -10.60 3.81 -41.08
CA ASP D 33 -11.59 2.77 -40.87
C ASP D 33 -12.95 3.43 -41.12
N ILE D 34 -13.71 2.86 -42.03
CA ILE D 34 -15.01 3.39 -42.38
C ILE D 34 -15.87 3.73 -41.16
N SER D 35 -15.75 2.93 -40.11
CA SER D 35 -16.52 3.13 -38.87
C SER D 35 -16.26 4.48 -38.23
N GLN D 36 -15.01 4.94 -38.29
CA GLN D 36 -14.59 6.21 -37.71
C GLN D 36 -15.05 6.44 -36.26
N VAL D 37 -14.80 5.47 -35.37
CA VAL D 37 -15.20 5.61 -33.96
C VAL D 37 -14.80 6.98 -33.43
N THR D 38 -13.69 7.51 -33.94
CA THR D 38 -13.22 8.85 -33.59
C THR D 38 -12.61 9.39 -34.86
N LYS D 39 -12.51 10.71 -34.95
CA LYS D 39 -11.95 11.36 -36.13
C LYS D 39 -10.47 11.02 -36.25
N GLY D 40 -10.11 10.30 -37.30
CA GLY D 40 -8.73 9.92 -37.53
C GLY D 40 -8.49 8.43 -37.35
N HIS D 41 -9.55 7.73 -36.93
CA HIS D 41 -9.53 6.29 -36.71
C HIS D 41 -8.90 5.60 -37.92
N THR D 42 -7.70 5.07 -37.73
CA THR D 42 -6.94 4.42 -38.79
C THR D 42 -6.58 2.96 -38.53
N LEU D 43 -6.44 2.21 -39.62
CA LEU D 43 -6.05 0.80 -39.56
C LEU D 43 -4.70 0.66 -40.24
N VAL D 44 -3.77 0.00 -39.56
CA VAL D 44 -2.43 -0.23 -40.12
C VAL D 44 -2.29 -1.73 -40.28
N ILE D 45 -2.09 -2.17 -41.52
CA ILE D 45 -1.98 -3.58 -41.82
C ILE D 45 -0.77 -3.86 -42.69
N PRO D 46 -0.26 -5.10 -42.66
CA PRO D 46 0.90 -5.49 -43.47
C PRO D 46 0.37 -5.85 -44.85
N LYS D 47 1.18 -5.67 -45.88
CA LYS D 47 0.72 -5.99 -47.22
C LYS D 47 0.54 -7.50 -47.36
N THR D 48 1.49 -8.26 -46.79
CA THR D 48 1.43 -9.74 -46.83
C THR D 48 0.19 -10.15 -46.04
N HIS D 49 -0.51 -11.18 -46.52
CA HIS D 49 -1.71 -11.65 -45.85
C HIS D 49 -1.45 -12.63 -44.71
N ILE D 50 -1.54 -12.12 -43.48
CA ILE D 50 -1.38 -12.94 -42.28
C ILE D 50 -2.71 -12.72 -41.57
N GLU D 51 -3.27 -13.77 -40.99
CA GLU D 51 -4.56 -13.66 -40.32
C GLU D 51 -4.55 -12.95 -38.97
N ASN D 52 -3.47 -13.13 -38.22
CA ASN D 52 -3.38 -12.55 -36.88
C ASN D 52 -1.96 -12.33 -36.40
N VAL D 53 -1.86 -11.88 -35.16
CA VAL D 53 -0.56 -11.60 -34.56
C VAL D 53 0.32 -12.85 -34.44
N TYR D 54 -0.29 -14.01 -34.28
CA TYR D 54 0.44 -15.28 -34.17
C TYR D 54 1.26 -15.59 -35.42
N GLU D 55 0.73 -15.23 -36.59
CA GLU D 55 1.42 -15.53 -37.86
C GLU D 55 2.59 -14.59 -38.18
N PHE D 56 2.88 -13.65 -37.29
CA PHE D 56 3.99 -12.72 -37.49
C PHE D 56 5.34 -13.43 -37.35
N THR D 57 6.24 -13.18 -38.30
CA THR D 57 7.59 -13.75 -38.27
C THR D 57 8.46 -12.59 -37.82
N ASP D 58 9.71 -12.86 -37.40
CA ASP D 58 10.57 -11.77 -36.95
C ASP D 58 10.83 -10.74 -38.05
N GLU D 59 10.86 -11.19 -39.30
CA GLU D 59 11.12 -10.27 -40.39
C GLU D 59 9.89 -9.40 -40.67
N LEU D 60 8.73 -10.03 -40.77
CA LEU D 60 7.52 -9.27 -41.04
C LEU D 60 7.31 -8.25 -39.91
N ALA D 61 7.55 -8.67 -38.67
CA ALA D 61 7.39 -7.77 -37.53
C ALA D 61 8.30 -6.56 -37.70
N LYS D 62 9.53 -6.83 -38.15
CA LYS D 62 10.54 -5.78 -38.37
C LYS D 62 10.08 -4.74 -39.40
N GLN D 63 9.51 -5.21 -40.50
CA GLN D 63 9.03 -4.36 -41.58
C GLN D 63 7.68 -3.75 -41.26
N TYR D 64 7.06 -4.17 -40.16
CA TYR D 64 5.75 -3.65 -39.82
C TYR D 64 5.65 -2.56 -38.76
N PHE D 65 5.95 -2.91 -37.52
CA PHE D 65 5.80 -1.98 -36.39
C PHE D 65 6.29 -0.54 -36.51
N HIS D 66 7.48 -0.32 -37.05
CA HIS D 66 8.00 1.05 -37.17
C HIS D 66 6.98 2.05 -37.71
N ALA D 67 6.04 1.57 -38.52
CA ALA D 67 5.04 2.46 -39.11
C ALA D 67 4.04 3.01 -38.09
N VAL D 68 3.72 2.21 -37.07
CA VAL D 68 2.76 2.62 -36.03
C VAL D 68 3.18 3.89 -35.30
N PRO D 69 4.42 3.92 -34.75
CA PRO D 69 4.84 5.14 -34.05
C PRO D 69 4.72 6.38 -34.96
N LYS D 70 5.21 6.27 -36.18
CA LYS D 70 5.16 7.38 -37.14
C LYS D 70 3.74 7.84 -37.43
N ILE D 71 2.85 6.89 -37.72
CA ILE D 71 1.46 7.18 -38.01
C ILE D 71 0.78 7.77 -36.78
N ALA D 72 1.07 7.20 -35.62
CA ALA D 72 0.47 7.68 -34.37
C ALA D 72 0.79 9.16 -34.18
N ARG D 73 2.02 9.54 -34.50
CA ARG D 73 2.46 10.94 -34.35
C ARG D 73 1.74 11.87 -35.33
N ALA D 74 1.60 11.42 -36.58
CA ALA D 74 0.93 12.22 -37.60
C ALA D 74 -0.48 12.53 -37.15
N ILE D 75 -1.18 11.50 -36.67
CA ILE D 75 -2.55 11.66 -36.19
C ILE D 75 -2.57 12.60 -34.99
N ARG D 76 -1.52 12.54 -34.18
CA ARG D 76 -1.44 13.40 -33.00
C ARG D 76 -1.17 14.84 -33.40
N ASP D 77 -0.19 15.03 -34.27
CA ASP D 77 0.19 16.37 -34.72
C ASP D 77 -0.87 17.05 -35.59
N GLU D 78 -1.72 16.25 -36.23
CA GLU D 78 -2.75 16.79 -37.11
C GLU D 78 -4.04 17.16 -36.39
N PHE D 79 -4.54 16.27 -35.53
CA PHE D 79 -5.78 16.54 -34.81
C PHE D 79 -5.60 16.83 -33.32
N GLU D 80 -4.35 16.85 -32.87
CA GLU D 80 -4.05 17.11 -31.47
C GLU D 80 -5.07 16.52 -30.49
N PRO D 81 -5.19 15.19 -30.47
CA PRO D 81 -6.14 14.54 -29.54
C PRO D 81 -5.53 14.53 -28.14
N ILE D 82 -6.36 14.27 -27.14
CA ILE D 82 -5.88 14.23 -25.75
C ILE D 82 -5.25 12.87 -25.41
N GLY D 83 -5.60 11.85 -26.20
CA GLY D 83 -5.06 10.53 -25.99
C GLY D 83 -5.09 9.69 -27.25
N LEU D 84 -4.51 8.49 -27.21
CA LEU D 84 -4.50 7.60 -28.36
C LEU D 84 -4.30 6.12 -27.99
N ASN D 85 -5.21 5.27 -28.46
CA ASN D 85 -5.13 3.82 -28.20
C ASN D 85 -4.75 3.06 -29.49
N THR D 86 -4.06 1.93 -29.34
CA THR D 86 -3.73 1.06 -30.47
C THR D 86 -4.33 -0.29 -30.06
N LEU D 87 -5.18 -0.84 -30.91
CA LEU D 87 -5.85 -2.09 -30.61
C LEU D 87 -5.75 -3.09 -31.75
N ASN D 88 -5.48 -4.33 -31.37
CA ASN D 88 -5.36 -5.43 -32.30
C ASN D 88 -6.27 -6.52 -31.75
N ASN D 89 -7.18 -7.00 -32.59
CA ASN D 89 -8.09 -8.04 -32.17
C ASN D 89 -7.79 -9.33 -32.91
N ASN D 90 -7.62 -10.42 -32.18
CA ASN D 90 -7.33 -11.72 -32.77
C ASN D 90 -8.42 -12.70 -32.38
N GLY D 91 -9.19 -13.13 -33.37
CA GLY D 91 -10.27 -14.07 -33.10
C GLY D 91 -11.61 -13.38 -33.06
N GLU D 92 -12.61 -14.04 -33.63
CA GLU D 92 -13.96 -13.51 -33.66
C GLU D 92 -14.42 -13.01 -32.29
N LYS D 93 -14.14 -13.79 -31.26
CA LYS D 93 -14.55 -13.42 -29.90
C LYS D 93 -13.75 -12.30 -29.28
N ALA D 94 -12.72 -11.85 -29.98
CA ALA D 94 -11.91 -10.75 -29.49
C ALA D 94 -12.26 -9.49 -30.26
N GLY D 95 -13.19 -9.62 -31.21
CA GLY D 95 -13.64 -8.49 -32.00
C GLY D 95 -13.11 -8.44 -33.43
N GLN D 96 -12.45 -9.51 -33.87
CA GLN D 96 -11.92 -9.55 -35.23
C GLN D 96 -12.98 -10.00 -36.23
N SER D 97 -13.20 -9.18 -37.25
CA SER D 97 -14.18 -9.47 -38.28
C SER D 97 -13.52 -9.73 -39.63
N VAL D 98 -12.40 -9.07 -39.88
CA VAL D 98 -11.67 -9.26 -41.12
C VAL D 98 -10.41 -10.02 -40.74
N PHE D 99 -10.29 -11.25 -41.24
CA PHE D 99 -9.15 -12.07 -40.89
C PHE D 99 -7.84 -11.84 -41.63
N HIS D 100 -7.35 -10.62 -41.45
CA HIS D 100 -6.11 -10.13 -41.99
C HIS D 100 -5.64 -9.19 -40.89
N TYR D 101 -4.44 -9.45 -40.36
CA TYR D 101 -3.90 -8.66 -39.28
C TYR D 101 -4.03 -7.15 -39.46
N HIS D 102 -4.67 -6.51 -38.48
CA HIS D 102 -4.81 -5.07 -38.50
C HIS D 102 -4.70 -4.49 -37.11
N MET D 103 -4.01 -3.36 -37.02
CA MET D 103 -3.81 -2.63 -35.78
C MET D 103 -4.68 -1.38 -35.86
N HIS D 104 -5.58 -1.19 -34.89
CA HIS D 104 -6.41 0.01 -34.88
C HIS D 104 -5.65 1.11 -34.18
N ILE D 105 -5.67 2.30 -34.76
CA ILE D 105 -5.05 3.47 -34.14
C ILE D 105 -6.22 4.41 -34.00
N ILE D 106 -6.63 4.62 -32.74
CA ILE D 106 -7.78 5.42 -32.37
C ILE D 106 -7.46 6.62 -31.47
N PRO D 107 -7.48 7.83 -32.03
CA PRO D 107 -7.20 9.01 -31.22
C PRO D 107 -8.36 9.25 -30.23
N ARG D 108 -8.07 9.94 -29.13
CA ARG D 108 -9.13 10.20 -28.14
C ARG D 108 -9.28 11.71 -27.93
N TYR D 109 -10.53 12.17 -27.87
CA TYR D 109 -10.81 13.58 -27.68
C TYR D 109 -11.65 13.84 -26.42
N GLY D 110 -12.23 12.78 -25.86
CA GLY D 110 -13.02 12.94 -24.66
C GLY D 110 -14.45 12.50 -24.85
N LYS D 111 -15.40 13.30 -24.37
CA LYS D 111 -16.81 12.96 -24.53
C LYS D 111 -17.07 12.83 -26.03
N GLY D 112 -17.79 11.79 -26.41
CA GLY D 112 -18.10 11.58 -27.81
C GLY D 112 -17.26 10.49 -28.46
N ASP D 113 -16.08 10.22 -27.92
CA ASP D 113 -15.22 9.17 -28.48
C ASP D 113 -16.06 7.92 -28.72
N GLY D 114 -15.85 7.27 -29.86
CA GLY D 114 -16.59 6.07 -30.19
C GLY D 114 -15.95 4.82 -29.62
N PHE D 115 -14.79 5.01 -28.97
CA PHE D 115 -14.07 3.90 -28.37
C PHE D 115 -13.88 4.07 -26.86
N GLY D 116 -14.02 2.96 -26.15
CA GLY D 116 -13.86 2.92 -24.71
C GLY D 116 -13.56 1.48 -24.34
N ALA D 117 -12.99 1.26 -23.16
CA ALA D 117 -12.67 -0.10 -22.74
C ALA D 117 -13.31 -0.47 -21.41
N VAL D 118 -13.95 -1.64 -21.38
CA VAL D 118 -14.55 -2.15 -20.15
C VAL D 118 -13.36 -2.75 -19.43
N TRP D 119 -13.10 -2.31 -18.20
CA TRP D 119 -11.94 -2.80 -17.46
C TRP D 119 -12.31 -3.27 -16.05
N LYS D 120 -12.60 -4.55 -15.89
CA LYS D 120 -12.94 -5.11 -14.58
C LYS D 120 -11.74 -5.89 -14.06
N THR D 121 -11.19 -5.42 -12.95
CA THR D 121 -10.01 -6.05 -12.36
C THR D 121 -10.34 -7.27 -11.47
N HIS D 122 -9.39 -8.20 -11.41
CA HIS D 122 -9.56 -9.42 -10.60
C HIS D 122 -8.33 -9.73 -9.77
N ALA D 123 -7.70 -8.68 -9.26
CA ALA D 123 -6.51 -8.82 -8.44
C ALA D 123 -6.68 -9.76 -7.26
N ASP D 124 -7.84 -9.71 -6.62
CA ASP D 124 -8.10 -10.54 -5.46
C ASP D 124 -8.29 -12.03 -5.76
N ASP D 125 -8.39 -12.37 -7.04
CA ASP D 125 -8.58 -13.76 -7.41
C ASP D 125 -7.25 -14.50 -7.53
N TYR D 126 -6.16 -13.80 -7.31
CA TYR D 126 -4.85 -14.43 -7.41
C TYR D 126 -3.92 -14.06 -6.26
N LYS D 127 -3.17 -15.06 -5.79
CA LYS D 127 -2.19 -14.83 -4.74
C LYS D 127 -0.91 -14.57 -5.51
N PRO D 128 0.04 -13.86 -4.90
CA PRO D 128 1.30 -13.58 -5.59
C PRO D 128 1.99 -14.88 -6.05
N GLU D 129 1.78 -15.96 -5.31
CA GLU D 129 2.38 -17.24 -5.68
C GLU D 129 1.69 -17.81 -6.94
N ASP D 130 0.41 -17.52 -7.10
CA ASP D 130 -0.33 -18.00 -8.27
C ASP D 130 0.24 -17.35 -9.53
N LEU D 131 0.48 -16.05 -9.46
CA LEU D 131 1.03 -15.28 -10.57
C LEU D 131 2.40 -15.79 -10.98
N GLN D 132 3.24 -16.06 -9.98
CA GLN D 132 4.59 -16.55 -10.20
C GLN D 132 4.55 -17.92 -10.90
N ASN D 133 3.61 -18.76 -10.47
CA ASN D 133 3.51 -20.08 -11.07
C ASN D 133 2.97 -19.99 -12.50
N ILE D 134 1.98 -19.13 -12.70
CA ILE D 134 1.40 -18.96 -14.02
C ILE D 134 2.45 -18.35 -14.95
N SER D 135 3.15 -17.31 -14.51
CA SER D 135 4.16 -16.71 -15.38
C SER D 135 5.29 -17.70 -15.70
N SER D 136 5.64 -18.56 -14.74
CA SER D 136 6.70 -19.54 -14.99
C SER D 136 6.34 -20.50 -16.12
N SER D 137 5.09 -20.98 -16.13
CA SER D 137 4.66 -21.91 -17.16
C SER D 137 4.70 -21.30 -18.54
N ILE D 138 4.29 -20.03 -18.66
CA ILE D 138 4.31 -19.33 -19.95
C ILE D 138 5.78 -19.09 -20.35
N ALA D 139 6.59 -18.69 -19.38
CA ALA D 139 8.01 -18.41 -19.60
C ALA D 139 8.75 -19.59 -20.22
N LYS D 140 8.39 -20.81 -19.82
CA LYS D 140 9.01 -22.02 -20.33
C LYS D 140 8.82 -22.19 -21.83
N ARG D 141 7.70 -21.68 -22.33
CA ARG D 141 7.40 -21.78 -23.76
C ARG D 141 8.22 -20.77 -24.56
N LEU D 142 8.86 -19.82 -23.88
CA LEU D 142 9.64 -18.79 -24.56
C LEU D 142 11.14 -18.86 -24.33
N ALA D 143 11.57 -19.79 -23.48
CA ALA D 143 12.99 -19.97 -23.21
C ALA D 143 13.76 -20.10 -24.52
N GLU E 5 -1.84 -2.71 -6.51
CA GLU E 5 -1.65 -1.24 -6.59
C GLU E 5 -0.40 -0.93 -7.41
N ASN E 6 -0.57 -0.09 -8.43
CA ASN E 6 0.54 0.30 -9.28
C ASN E 6 0.98 1.73 -8.95
N CYS E 7 0.81 2.11 -7.68
CA CYS E 7 1.17 3.44 -7.23
C CYS E 7 2.50 3.42 -6.47
N ILE E 8 3.51 4.05 -7.03
CA ILE E 8 4.83 4.10 -6.41
C ILE E 8 4.80 4.79 -5.04
N PHE E 9 3.88 5.74 -4.86
CA PHE E 9 3.79 6.42 -3.57
C PHE E 9 3.18 5.50 -2.52
N CYS E 10 2.24 4.65 -2.95
CA CYS E 10 1.63 3.70 -2.02
C CYS E 10 2.68 2.67 -1.61
N LYS E 11 3.61 2.36 -2.51
CA LYS E 11 4.68 1.41 -2.25
C LYS E 11 5.60 1.97 -1.16
N ILE E 12 5.90 3.26 -1.27
CA ILE E 12 6.75 3.94 -0.30
C ILE E 12 6.03 4.03 1.05
N ILE E 13 4.71 4.22 1.00
CA ILE E 13 3.97 4.30 2.25
C ILE E 13 3.98 2.96 2.96
N ALA E 14 3.90 1.88 2.19
CA ALA E 14 3.90 0.53 2.74
C ALA E 14 5.32 0.09 3.07
N GLY E 15 6.30 0.81 2.55
CA GLY E 15 7.69 0.47 2.80
C GLY E 15 8.25 -0.55 1.82
N ASP E 16 7.49 -0.83 0.76
CA ASP E 16 7.93 -1.79 -0.24
C ASP E 16 9.13 -1.25 -0.99
N ILE E 17 9.26 0.07 -1.03
CA ILE E 17 10.43 0.65 -1.70
C ILE E 17 10.95 1.77 -0.81
N PRO E 18 12.28 1.95 -0.77
CA PRO E 18 12.93 2.98 0.05
C PRO E 18 12.66 4.44 -0.35
N SER E 19 12.96 5.34 0.57
CA SER E 19 12.80 6.76 0.32
C SER E 19 13.55 7.57 1.36
N ALA E 20 13.79 8.83 1.04
CA ALA E 20 14.48 9.75 1.93
C ALA E 20 13.39 10.53 2.67
N LYS E 21 12.96 9.99 3.81
CA LYS E 21 11.89 10.61 4.61
C LYS E 21 12.27 11.89 5.33
N VAL E 22 11.38 12.87 5.29
CA VAL E 22 11.64 14.11 6.00
C VAL E 22 10.56 14.33 7.05
N TYR E 23 9.37 13.78 6.81
CA TYR E 23 8.25 13.95 7.75
C TYR E 23 7.29 12.80 7.73
N GLU E 24 6.72 12.48 8.88
CA GLU E 24 5.75 11.41 8.95
C GLU E 24 4.90 11.43 10.20
N ASP E 25 3.59 11.33 10.00
CA ASP E 25 2.66 11.26 11.11
C ASP E 25 1.63 10.18 10.76
N GLU E 26 0.47 10.22 11.39
CA GLU E 26 -0.55 9.20 11.17
C GLU E 26 -1.21 9.23 9.79
N HIS E 27 -1.37 10.41 9.22
CA HIS E 27 -2.05 10.55 7.94
C HIS E 27 -1.22 11.12 6.79
N VAL E 28 -0.02 11.60 7.10
CA VAL E 28 0.82 12.23 6.10
C VAL E 28 2.24 11.70 6.03
N LEU E 29 2.76 11.60 4.81
CA LEU E 29 4.12 11.15 4.62
C LEU E 29 4.82 12.12 3.68
N ALA E 30 6.04 12.51 4.00
CA ALA E 30 6.79 13.42 3.16
C ALA E 30 8.18 12.86 2.96
N PHE E 31 8.65 12.95 1.73
CA PHE E 31 9.98 12.45 1.36
C PHE E 31 10.48 13.26 0.19
N LEU E 32 11.79 13.22 -0.02
CA LEU E 32 12.40 13.98 -1.11
C LEU E 32 12.02 13.46 -2.49
N ASP E 33 11.83 14.39 -3.44
CA ASP E 33 11.52 14.01 -4.81
C ASP E 33 12.93 13.76 -5.36
N ILE E 34 13.19 12.52 -5.75
CA ILE E 34 14.48 12.12 -6.28
C ILE E 34 14.91 12.99 -7.46
N SER E 35 13.95 13.59 -8.15
CA SER E 35 14.24 14.45 -9.28
C SER E 35 15.02 15.70 -8.84
N GLN E 36 14.81 16.10 -7.59
CA GLN E 36 15.47 17.28 -7.03
C GLN E 36 15.58 18.46 -8.00
N VAL E 37 14.43 19.01 -8.36
CA VAL E 37 14.37 20.16 -9.25
C VAL E 37 15.23 21.25 -8.62
N THR E 38 15.26 21.27 -7.29
CA THR E 38 16.07 22.20 -6.50
C THR E 38 16.51 21.38 -5.29
N LYS E 39 17.63 21.75 -4.69
CA LYS E 39 18.13 21.02 -3.53
C LYS E 39 17.12 21.11 -2.39
N GLY E 40 16.60 19.97 -1.94
CA GLY E 40 15.62 19.99 -0.86
C GLY E 40 14.20 19.80 -1.38
N HIS E 41 14.06 19.67 -2.70
CA HIS E 41 12.76 19.44 -3.35
C HIS E 41 12.04 18.29 -2.64
N THR E 42 10.90 18.59 -2.00
CA THR E 42 10.13 17.58 -1.26
C THR E 42 8.67 17.36 -1.69
N LEU E 43 8.19 16.14 -1.49
CA LEU E 43 6.80 15.79 -1.81
C LEU E 43 6.06 15.53 -0.51
N VAL E 44 4.88 16.13 -0.39
CA VAL E 44 4.06 15.93 0.79
C VAL E 44 2.78 15.27 0.30
N ILE E 45 2.51 14.07 0.79
CA ILE E 45 1.34 13.31 0.37
C ILE E 45 0.56 12.70 1.52
N PRO E 46 -0.71 12.39 1.28
CA PRO E 46 -1.51 11.77 2.34
C PRO E 46 -1.21 10.29 2.23
N LYS E 47 -1.36 9.56 3.33
CA LYS E 47 -1.11 8.14 3.30
C LYS E 47 -2.23 7.41 2.55
N THR E 48 -3.46 7.91 2.65
CA THR E 48 -4.59 7.29 1.95
C THR E 48 -4.46 7.60 0.46
N HIS E 49 -4.82 6.64 -0.38
CA HIS E 49 -4.70 6.84 -1.82
C HIS E 49 -5.82 7.62 -2.50
N ILE E 50 -5.61 8.92 -2.68
CA ILE E 50 -6.59 9.74 -3.41
C ILE E 50 -5.81 10.20 -4.64
N GLU E 51 -6.43 10.11 -5.81
CA GLU E 51 -5.77 10.46 -7.04
C GLU E 51 -5.45 11.94 -7.22
N ASN E 52 -6.29 12.81 -6.69
CA ASN E 52 -6.10 14.23 -6.91
C ASN E 52 -6.78 15.12 -5.87
N VAL E 53 -6.65 16.44 -6.08
CA VAL E 53 -7.22 17.42 -5.16
C VAL E 53 -8.74 17.33 -5.06
N TYR E 54 -9.38 16.85 -6.13
CA TYR E 54 -10.82 16.72 -6.17
C TYR E 54 -11.34 15.61 -5.23
N GLU E 55 -10.50 14.64 -4.94
CA GLU E 55 -10.90 13.53 -4.08
C GLU E 55 -10.70 13.79 -2.60
N PHE E 56 -10.40 15.02 -2.24
CA PHE E 56 -10.23 15.39 -0.84
C PHE E 56 -11.59 15.48 -0.16
N THR E 57 -11.64 15.09 1.11
CA THR E 57 -12.85 15.19 1.91
C THR E 57 -12.41 16.16 2.99
N ASP E 58 -13.36 16.84 3.65
CA ASP E 58 -13.01 17.79 4.70
C ASP E 58 -12.18 17.14 5.79
N GLU E 59 -12.51 15.92 6.13
CA GLU E 59 -11.78 15.22 7.18
C GLU E 59 -10.33 15.00 6.75
N LEU E 60 -10.13 14.50 5.54
CA LEU E 60 -8.79 14.27 5.05
C LEU E 60 -8.03 15.59 4.95
N ALA E 61 -8.71 16.65 4.51
CA ALA E 61 -8.10 17.96 4.38
C ALA E 61 -7.57 18.41 5.73
N LYS E 62 -8.33 18.13 6.79
CA LYS E 62 -7.91 18.53 8.12
C LYS E 62 -6.64 17.79 8.54
N GLN E 63 -6.53 16.53 8.17
CA GLN E 63 -5.38 15.71 8.53
C GLN E 63 -4.14 15.98 7.66
N TYR E 64 -4.33 16.65 6.53
CA TYR E 64 -3.22 16.88 5.61
C TYR E 64 -2.46 18.19 5.67
N PHE E 65 -3.12 19.27 5.26
CA PHE E 65 -2.52 20.58 5.15
C PHE E 65 -1.64 21.11 6.28
N HIS E 66 -1.96 20.82 7.52
CA HIS E 66 -1.15 21.33 8.63
C HIS E 66 0.31 20.93 8.50
N ALA E 67 0.58 19.80 7.85
CA ALA E 67 1.95 19.34 7.70
C ALA E 67 2.76 20.19 6.71
N VAL E 68 2.10 20.83 5.75
CA VAL E 68 2.80 21.63 4.74
C VAL E 68 3.58 22.80 5.33
N PRO E 69 2.93 23.67 6.11
CA PRO E 69 3.66 24.81 6.70
C PRO E 69 4.87 24.36 7.52
N LYS E 70 4.73 23.25 8.25
CA LYS E 70 5.82 22.71 9.07
C LYS E 70 7.02 22.26 8.23
N ILE E 71 6.73 21.52 7.16
CA ILE E 71 7.75 21.01 6.27
C ILE E 71 8.41 22.18 5.52
N ALA E 72 7.61 23.14 5.08
CA ALA E 72 8.18 24.28 4.38
C ALA E 72 9.13 25.01 5.35
N ARG E 73 8.67 25.31 6.56
CA ARG E 73 9.51 25.99 7.54
C ARG E 73 10.80 25.23 7.78
N ALA E 74 10.71 23.90 7.82
CA ALA E 74 11.88 23.05 8.04
C ALA E 74 12.90 23.17 6.89
N ILE E 75 12.39 23.23 5.66
CA ILE E 75 13.24 23.36 4.49
C ILE E 75 13.86 24.75 4.45
N ARG E 76 13.08 25.75 4.85
CA ARG E 76 13.57 27.11 4.87
C ARG E 76 14.73 27.30 5.88
N ASP E 77 14.55 26.74 7.08
CA ASP E 77 15.55 26.87 8.15
C ASP E 77 16.87 26.16 7.88
N GLU E 78 16.79 25.07 7.14
CA GLU E 78 17.96 24.29 6.79
C GLU E 78 18.79 24.91 5.67
N PHE E 79 18.15 25.25 4.56
CA PHE E 79 18.87 25.80 3.42
C PHE E 79 18.81 27.30 3.17
N GLU E 80 17.95 28.00 3.91
CA GLU E 80 17.79 29.45 3.78
C GLU E 80 17.61 29.87 2.32
N PRO E 81 16.51 29.45 1.68
CA PRO E 81 16.29 29.82 0.29
C PRO E 81 15.80 31.27 0.22
N ILE E 82 15.88 31.85 -0.98
CA ILE E 82 15.43 33.22 -1.21
C ILE E 82 13.95 33.21 -1.58
N GLY E 83 13.39 32.00 -1.64
CA GLY E 83 11.99 31.84 -1.99
C GLY E 83 11.55 30.38 -1.87
N LEU E 84 10.24 30.14 -1.99
CA LEU E 84 9.73 28.77 -1.89
C LEU E 84 8.35 28.66 -2.53
N ASN E 85 8.12 27.58 -3.26
CA ASN E 85 6.82 27.35 -3.91
C ASN E 85 6.25 26.01 -3.45
N THR E 86 4.94 25.90 -3.51
CA THR E 86 4.23 24.66 -3.21
C THR E 86 3.41 24.52 -4.49
N LEU E 87 3.47 23.35 -5.12
CA LEU E 87 2.77 23.11 -6.37
C LEU E 87 2.10 21.73 -6.40
N ASN E 88 0.83 21.73 -6.79
CA ASN E 88 0.03 20.51 -6.89
C ASN E 88 -0.38 20.38 -8.36
N ASN E 89 -0.19 19.21 -8.95
CA ASN E 89 -0.56 18.98 -10.36
C ASN E 89 -1.66 17.93 -10.45
N ASN E 90 -2.76 18.29 -11.10
CA ASN E 90 -3.88 17.38 -11.25
C ASN E 90 -4.14 17.11 -12.72
N GLY E 91 -3.89 15.87 -13.14
CA GLY E 91 -4.09 15.50 -14.52
C GLY E 91 -2.78 15.47 -15.27
N GLU E 92 -2.63 14.45 -16.11
CA GLU E 92 -1.44 14.30 -16.94
C GLU E 92 -1.06 15.63 -17.57
N LYS E 93 -2.04 16.29 -18.19
CA LYS E 93 -1.81 17.56 -18.87
C LYS E 93 -1.45 18.75 -17.96
N ALA E 94 -1.53 18.57 -16.65
CA ALA E 94 -1.18 19.63 -15.71
C ALA E 94 0.16 19.28 -15.05
N GLY E 95 0.80 18.24 -15.56
CA GLY E 95 2.09 17.81 -15.04
C GLY E 95 2.08 16.64 -14.06
N GLN E 96 0.95 15.97 -13.89
CA GLN E 96 0.90 14.84 -12.97
C GLN E 96 1.30 13.51 -13.59
N SER E 97 2.33 12.88 -13.05
CA SER E 97 2.83 11.59 -13.55
C SER E 97 2.43 10.43 -12.64
N VAL E 98 2.14 10.75 -11.38
CA VAL E 98 1.73 9.76 -10.39
C VAL E 98 0.33 10.14 -9.93
N PHE E 99 -0.64 9.26 -10.15
CA PHE E 99 -2.02 9.54 -9.78
C PHE E 99 -2.33 9.30 -8.31
N HIS E 100 -1.60 10.01 -7.47
CA HIS E 100 -1.75 9.97 -6.02
C HIS E 100 -1.47 11.42 -5.64
N TYR E 101 -2.43 12.06 -4.98
CA TYR E 101 -2.24 13.46 -4.62
C TYR E 101 -0.90 13.71 -3.94
N HIS E 102 -0.27 14.81 -4.34
CA HIS E 102 1.00 15.21 -3.77
C HIS E 102 1.27 16.67 -4.00
N MET E 103 1.84 17.30 -2.98
CA MET E 103 2.19 18.70 -2.99
C MET E 103 3.72 18.76 -3.12
N HIS E 104 4.18 19.53 -4.10
CA HIS E 104 5.59 19.73 -4.31
C HIS E 104 5.98 20.92 -3.43
N ILE E 105 7.04 20.77 -2.63
CA ILE E 105 7.55 21.87 -1.81
C ILE E 105 8.92 22.13 -2.45
N ILE E 106 9.05 23.27 -3.10
CA ILE E 106 10.27 23.64 -3.84
C ILE E 106 11.00 24.90 -3.37
N PRO E 107 12.13 24.74 -2.68
CA PRO E 107 12.84 25.95 -2.23
C PRO E 107 13.45 26.62 -3.48
N ARG E 108 13.55 27.94 -3.48
CA ARG E 108 14.11 28.66 -4.63
C ARG E 108 15.45 29.33 -4.23
N TYR E 109 16.48 29.15 -5.06
CA TYR E 109 17.79 29.73 -4.77
C TYR E 109 18.19 30.78 -5.79
N GLY E 110 17.41 30.87 -6.86
CA GLY E 110 17.67 31.84 -7.90
C GLY E 110 18.15 31.19 -9.18
N LYS E 111 19.07 31.86 -9.85
CA LYS E 111 19.63 31.36 -11.10
C LYS E 111 20.04 29.92 -10.89
N GLY E 112 19.55 29.04 -11.76
CA GLY E 112 19.87 27.64 -11.63
C GLY E 112 18.70 26.77 -11.19
N ASP E 113 17.66 27.38 -10.60
CA ASP E 113 16.51 26.61 -10.15
C ASP E 113 15.96 25.76 -11.28
N GLY E 114 15.59 24.52 -10.96
CA GLY E 114 15.05 23.62 -11.96
C GLY E 114 13.58 23.84 -12.18
N PHE E 115 12.99 24.69 -11.33
CA PHE E 115 11.57 25.01 -11.44
C PHE E 115 11.38 26.49 -11.69
N GLY E 116 10.48 26.80 -12.58
CA GLY E 116 10.18 28.19 -12.89
C GLY E 116 8.76 28.23 -13.45
N ALA E 117 8.08 29.34 -13.26
CA ALA E 117 6.73 29.43 -13.76
C ALA E 117 6.60 30.37 -14.95
N VAL E 118 6.01 29.87 -16.03
CA VAL E 118 5.75 30.69 -17.19
C VAL E 118 4.49 31.42 -16.77
N TRP E 119 4.48 32.74 -16.94
CA TRP E 119 3.33 33.53 -16.51
C TRP E 119 2.94 34.56 -17.56
N LYS E 120 1.89 34.27 -18.31
CA LYS E 120 1.40 35.19 -19.33
C LYS E 120 0.01 35.65 -18.90
N THR E 121 -0.12 36.94 -18.59
CA THR E 121 -1.40 37.51 -18.16
C THR E 121 -2.29 37.85 -19.35
N HIS E 122 -3.58 38.03 -19.09
CA HIS E 122 -4.54 38.35 -20.14
C HIS E 122 -5.67 39.27 -19.65
N ALA E 123 -5.35 40.11 -18.67
CA ALA E 123 -6.29 41.05 -18.06
C ALA E 123 -7.18 41.80 -19.05
N ASP E 124 -6.56 42.37 -20.09
CA ASP E 124 -7.30 43.12 -21.09
C ASP E 124 -8.30 42.29 -21.92
N ASP E 125 -8.19 40.97 -21.88
CA ASP E 125 -9.13 40.17 -22.65
C ASP E 125 -10.47 40.04 -21.94
N TYR E 126 -10.50 40.40 -20.66
CA TYR E 126 -11.72 40.30 -19.88
C TYR E 126 -12.31 41.64 -19.50
N LYS E 127 -13.61 41.78 -19.70
CA LYS E 127 -14.29 43.01 -19.33
C LYS E 127 -14.88 42.73 -17.97
N PRO E 128 -15.44 43.76 -17.33
CA PRO E 128 -16.05 43.61 -16.00
C PRO E 128 -17.21 42.62 -15.97
N GLU E 129 -18.00 42.58 -17.03
CA GLU E 129 -19.12 41.65 -17.08
C GLU E 129 -18.64 40.22 -17.29
N ASP E 130 -17.51 40.04 -17.97
CA ASP E 130 -17.00 38.70 -18.14
C ASP E 130 -16.56 38.14 -16.79
N LEU E 131 -15.75 38.89 -16.07
CA LEU E 131 -15.28 38.43 -14.76
C LEU E 131 -16.44 38.10 -13.84
N GLN E 132 -17.48 38.92 -13.87
CA GLN E 132 -18.65 38.70 -13.03
C GLN E 132 -19.36 37.38 -13.39
N ASN E 133 -19.55 37.14 -14.69
CA ASN E 133 -20.21 35.92 -15.14
C ASN E 133 -19.37 34.67 -14.88
N ILE E 134 -18.07 34.80 -15.00
CA ILE E 134 -17.15 33.70 -14.76
C ILE E 134 -17.14 33.35 -13.26
N SER E 135 -16.97 34.35 -12.40
CA SER E 135 -16.96 34.07 -10.97
C SER E 135 -18.32 33.51 -10.55
N SER E 136 -19.39 34.08 -11.09
CA SER E 136 -20.74 33.63 -10.76
C SER E 136 -20.95 32.17 -11.17
N SER E 137 -20.52 31.80 -12.37
CA SER E 137 -20.66 30.43 -12.87
C SER E 137 -19.96 29.43 -11.95
N ILE E 138 -18.79 29.81 -11.47
CA ILE E 138 -18.04 28.93 -10.59
C ILE E 138 -18.78 28.76 -9.26
N ALA E 139 -19.20 29.87 -8.67
CA ALA E 139 -19.93 29.85 -7.40
C ALA E 139 -21.16 28.95 -7.44
N LYS E 140 -21.87 28.95 -8.56
CA LYS E 140 -23.08 28.13 -8.76
C LYS E 140 -22.75 26.64 -8.65
N ARG E 141 -21.55 26.26 -9.07
CA ARG E 141 -21.13 24.87 -9.06
C ARG E 141 -20.81 24.35 -7.66
N LEU E 142 -20.69 25.25 -6.69
CA LEU E 142 -20.40 24.89 -5.31
C LEU E 142 -21.66 24.32 -4.66
N ALA E 143 -21.48 23.58 -3.58
CA ALA E 143 -22.61 23.02 -2.85
C ALA E 143 -23.32 24.19 -2.18
N SER E 144 -24.61 24.05 -1.94
CA SER E 144 -25.38 25.12 -1.33
C SER E 144 -26.30 24.56 -0.26
N SER E 145 -25.80 24.51 0.98
CA SER E 145 -26.60 23.98 2.09
C SER E 145 -27.44 25.08 2.73
ZN ZN F . 2.34 -24.39 24.17
ZN ZN G . 1.94 4.66 45.82
MG MG H . 23.56 -9.61 36.92
ZN ZN I . 9.83 3.87 -16.72
ZN ZN J . -5.74 -10.32 -46.56
ZN ZN K . -1.14 5.72 -4.10
#